data_3QV9
#
_entry.id   3QV9
#
_cell.length_a   113.200
_cell.length_b   121.826
_cell.length_c   96.540
_cell.angle_alpha   90.00
_cell.angle_beta   109.81
_cell.angle_gamma   90.00
#
_symmetry.space_group_name_H-M   'C 1 2 1'
#
loop_
_entity.id
_entity.type
_entity.pdbx_description
1 polymer 'Pyruvate kinase 2'
2 non-polymer 'POTASSIUM ION'
3 non-polymer 'PHOSPHATE ION'
4 non-polymer '3-hydroxy-4-[(E)-{2-sulfo-4-[(E)-(4-sulfophenyl)diazenyl]phenyl}diazenyl]naphthalene-2,7-disulfonic acid'
5 water water
#
_entity_poly.entity_id   1
_entity_poly.type   'polypeptide(L)'
_entity_poly.pdbx_seq_one_letter_code
;MSQLAHNVNLSIFEPISHHRANRIVCTIGPSTQSVEALKGLIRSGMSVARMNFSHGSHEYHQTTINNLRAAATELGAHIG
LALDTKGPEIRTGLFKDGGIALAPGDTVLVTSDPAFEKIGTKEKFYIEYPRLSITVRPGGFIYIDDGVLSLKVLSKEDEY
TLKCYVNNAHFLTDRKGCNLPGCEVDLPAVSEKDREDLKFGVEQGIDMVFASFIRTAEQVQEVREALGEKGKDILIISKI
ENHQGVQNIDGIIEASDGIMVARGDLGVEIPAEKVVVAQMILISKCNVAGKPVICATQMLESMTTNPRPTRAEVSDVANA
VFNGADCVMLSGETAKGKYPNEVVQYMARICLEAQSATNQAVMFNSIKKMQKLPMSPEEAVCSSAVNSVYEVRAKALLVL
SNSGRSARLASKYRPDCPIICATTRMRTCRQLTITRSVDAVFYDAERYGEDENKEKRVQLGVDCAKKKGYVVPGDLMVVV
HADHKVKGYPNQTRIIYVS
;
_entity_poly.pdbx_strand_id   A,B
#
# COMPACT_ATOMS: atom_id res chain seq x y z
N MET A 1 -5.54 2.73 -22.09
CA MET A 1 -6.58 2.20 -21.19
C MET A 1 -6.12 2.93 -19.91
N SER A 2 -6.62 2.58 -18.74
CA SER A 2 -6.11 3.12 -17.53
C SER A 2 -6.26 2.00 -16.53
N GLN A 3 -5.70 2.24 -15.35
CA GLN A 3 -5.88 1.25 -14.29
C GLN A 3 -7.38 1.13 -13.91
N LEU A 4 -8.10 2.26 -13.92
CA LEU A 4 -9.53 2.26 -13.59
C LEU A 4 -10.33 1.39 -14.60
N ALA A 5 -10.02 1.57 -15.87
CA ALA A 5 -10.70 0.91 -16.95
C ALA A 5 -10.35 -0.59 -16.87
N HIS A 6 -9.11 -0.91 -16.54
CA HIS A 6 -8.73 -2.29 -16.29
C HIS A 6 -9.53 -2.90 -15.15
N ASN A 7 -9.66 -2.18 -14.04
CA ASN A 7 -10.41 -2.68 -12.91
C ASN A 7 -11.89 -3.02 -13.24
N VAL A 8 -12.60 -2.17 -13.93
CA VAL A 8 -14.04 -2.38 -14.06
C VAL A 8 -14.36 -3.51 -15.03
N ASN A 9 -13.38 -3.91 -15.83
CA ASN A 9 -13.47 -5.05 -16.71
C ASN A 9 -12.85 -6.36 -16.19
N LEU A 10 -12.25 -6.40 -15.02
CA LEU A 10 -11.79 -7.67 -14.49
C LEU A 10 -12.96 -8.57 -14.15
N SER A 11 -12.78 -9.87 -14.37
CA SER A 11 -13.63 -10.88 -13.73
C SER A 11 -12.76 -11.69 -12.79
N ILE A 12 -13.05 -11.66 -11.48
CA ILE A 12 -12.19 -12.38 -10.55
C ILE A 12 -12.43 -13.86 -10.54
N PHE A 13 -13.38 -14.33 -11.34
CA PHE A 13 -13.56 -15.77 -11.46
C PHE A 13 -12.85 -16.43 -12.63
N GLU A 14 -12.47 -15.66 -13.66
CA GLU A 14 -11.75 -16.21 -14.82
C GLU A 14 -10.40 -16.78 -14.41
N PRO A 15 -9.99 -17.92 -15.03
CA PRO A 15 -8.63 -18.40 -14.74
C PRO A 15 -7.58 -17.38 -15.23
N ILE A 16 -6.45 -17.34 -14.55
CA ILE A 16 -5.38 -16.42 -14.89
C ILE A 16 -4.50 -17.10 -15.94
N SER A 17 -4.23 -16.44 -17.06
CA SER A 17 -3.38 -17.01 -18.12
C SER A 17 -1.89 -16.51 -18.03
N HIS A 18 -1.67 -15.37 -17.37
CA HIS A 18 -0.33 -14.82 -17.19
C HIS A 18 0.71 -15.82 -16.55
N HIS A 19 1.97 -15.57 -16.78
CA HIS A 19 3.07 -16.33 -16.20
C HIS A 19 3.67 -15.41 -15.13
N ARG A 20 3.98 -15.91 -13.94
CA ARG A 20 4.30 -15.11 -12.80
C ARG A 20 5.57 -14.32 -13.12
N ALA A 21 5.45 -13.02 -13.04
CA ALA A 21 6.58 -12.07 -13.25
C ALA A 21 7.30 -11.71 -11.97
N ASN A 22 6.60 -11.62 -10.86
CA ASN A 22 7.36 -11.25 -9.59
C ASN A 22 8.14 -12.44 -8.99
N ARG A 23 9.10 -12.09 -8.14
CA ARG A 23 10.07 -13.04 -7.67
C ARG A 23 10.01 -13.07 -6.12
N ILE A 24 10.22 -14.25 -5.56
CA ILE A 24 9.99 -14.52 -4.17
C ILE A 24 11.37 -14.82 -3.54
N VAL A 25 11.74 -14.07 -2.51
CA VAL A 25 12.98 -14.29 -1.80
C VAL A 25 12.64 -15.04 -0.55
N CYS A 26 13.32 -16.14 -0.28
CA CYS A 26 13.01 -16.94 0.92
C CYS A 26 14.17 -16.96 1.92
N THR A 27 13.90 -16.73 3.21
CA THR A 27 14.96 -16.83 4.21
C THR A 27 15.06 -18.32 4.62
N ILE A 28 16.30 -18.81 4.65
CA ILE A 28 16.56 -20.19 4.99
C ILE A 28 16.80 -20.30 6.47
N GLY A 29 16.27 -21.38 7.04
CA GLY A 29 16.59 -21.73 8.45
C GLY A 29 16.17 -23.17 8.77
N PRO A 30 16.05 -23.50 10.08
CA PRO A 30 15.72 -24.83 10.53
C PRO A 30 14.59 -25.51 9.76
N SER A 31 13.57 -24.77 9.36
CA SER A 31 12.49 -25.44 8.65
C SER A 31 12.88 -25.81 7.22
N THR A 32 13.98 -25.22 6.70
CA THR A 32 14.22 -25.27 5.25
C THR A 32 15.67 -25.50 4.78
N GLN A 33 16.62 -25.63 5.71
CA GLN A 33 18.03 -25.88 5.35
C GLN A 33 18.36 -27.23 4.68
N SER A 34 17.55 -28.24 4.93
CA SER A 34 17.84 -29.52 4.33
C SER A 34 17.67 -29.49 2.80
N VAL A 35 18.35 -30.43 2.13
CA VAL A 35 18.37 -30.47 0.70
C VAL A 35 16.93 -30.71 0.19
N GLU A 36 16.19 -31.63 0.84
CA GLU A 36 14.82 -31.87 0.48
C GLU A 36 13.96 -30.62 0.65
N ALA A 37 14.22 -29.87 1.71
CA ALA A 37 13.37 -28.73 1.99
C ALA A 37 13.65 -27.59 0.99
N LEU A 38 14.93 -27.32 0.69
CA LEU A 38 15.31 -26.46 -0.44
C LEU A 38 14.64 -26.83 -1.79
N LYS A 39 14.64 -28.11 -2.09
CA LYS A 39 13.89 -28.59 -3.25
C LYS A 39 12.40 -28.23 -3.23
N GLY A 40 11.73 -28.49 -2.12
CA GLY A 40 10.38 -27.97 -1.87
C GLY A 40 10.26 -26.45 -2.12
N LEU A 41 11.17 -25.65 -1.56
CA LEU A 41 11.15 -24.23 -1.76
C LEU A 41 11.19 -23.83 -3.24
N ILE A 42 12.15 -24.42 -3.95
CA ILE A 42 12.38 -24.15 -5.35
C ILE A 42 11.15 -24.55 -6.13
N ARG A 43 10.68 -25.79 -5.92
CA ARG A 43 9.42 -26.24 -6.57
C ARG A 43 8.21 -25.34 -6.23
N SER A 44 8.17 -24.78 -5.02
CA SER A 44 7.06 -23.94 -4.67
C SER A 44 7.14 -22.50 -5.19
N GLY A 45 8.31 -22.04 -5.70
CA GLY A 45 8.39 -20.68 -6.25
C GLY A 45 9.54 -19.78 -5.70
N MET A 46 10.43 -20.32 -4.87
CA MET A 46 11.64 -19.56 -4.47
C MET A 46 12.57 -19.17 -5.63
N SER A 47 12.93 -17.91 -5.75
CA SER A 47 13.94 -17.57 -6.74
C SER A 47 15.29 -17.17 -6.12
N VAL A 48 15.27 -16.76 -4.84
CA VAL A 48 16.48 -16.33 -4.08
C VAL A 48 16.42 -16.89 -2.69
N ALA A 49 17.55 -17.42 -2.24
CA ALA A 49 17.72 -17.93 -0.87
C ALA A 49 18.53 -16.87 -0.09
N ARG A 50 17.91 -16.36 0.98
CA ARG A 50 18.54 -15.34 1.82
C ARG A 50 19.17 -16.02 3.06
N MET A 51 20.44 -15.69 3.35
CA MET A 51 21.08 -16.10 4.58
C MET A 51 21.13 -14.87 5.44
N ASN A 52 20.51 -15.03 6.62
CA ASN A 52 20.44 -14.04 7.66
C ASN A 52 21.65 -14.19 8.61
N PHE A 53 22.66 -13.35 8.37
CA PHE A 53 23.89 -13.46 9.14
C PHE A 53 23.81 -12.71 10.46
N SER A 54 22.59 -12.46 10.92
CA SER A 54 22.40 -11.98 12.28
C SER A 54 22.55 -13.16 13.20
N HIS A 55 22.09 -14.33 12.72
CA HIS A 55 22.10 -15.58 13.48
CA HIS A 55 22.17 -15.55 13.51
C HIS A 55 22.94 -16.62 12.76
N GLY A 56 23.58 -17.51 13.52
CA GLY A 56 24.43 -18.57 12.96
C GLY A 56 25.88 -18.29 12.68
N SER A 57 26.67 -19.37 12.75
CA SER A 57 28.10 -19.35 12.35
C SER A 57 28.21 -19.61 10.86
N HIS A 58 29.38 -19.25 10.34
CA HIS A 58 29.85 -19.64 9.03
C HIS A 58 29.60 -21.08 8.59
N GLU A 59 29.65 -22.05 9.50
CA GLU A 59 29.39 -23.44 9.06
C GLU A 59 27.92 -23.79 8.88
N TYR A 60 27.10 -23.16 9.73
CA TYR A 60 25.65 -23.16 9.58
C TYR A 60 25.34 -22.65 8.15
N HIS A 61 25.98 -21.56 7.76
CA HIS A 61 25.71 -20.96 6.47
C HIS A 61 26.33 -21.71 5.33
N GLN A 62 27.52 -22.23 5.59
CA GLN A 62 28.17 -23.09 4.65
C GLN A 62 27.19 -24.21 4.28
N THR A 63 26.49 -24.74 5.27
CA THR A 63 25.56 -25.86 5.03
C THR A 63 24.33 -25.40 4.18
N THR A 64 23.80 -24.21 4.48
CA THR A 64 22.81 -23.56 3.60
C THR A 64 23.36 -23.51 2.17
N ILE A 65 24.54 -22.94 1.99
CA ILE A 65 25.19 -22.88 0.68
C ILE A 65 25.35 -24.21 -0.05
N ASN A 66 25.92 -25.23 0.61
CA ASN A 66 26.19 -26.49 -0.05
C ASN A 66 24.85 -27.19 -0.34
N ASN A 67 23.90 -27.07 0.59
CA ASN A 67 22.64 -27.73 0.40
C ASN A 67 21.85 -27.07 -0.76
N LEU A 68 21.95 -25.73 -0.87
CA LEU A 68 21.27 -24.99 -1.89
C LEU A 68 21.85 -25.35 -3.24
N ARG A 69 23.16 -25.44 -3.31
CA ARG A 69 23.80 -25.82 -4.58
C ARG A 69 23.43 -27.28 -4.96
N ALA A 70 23.30 -28.18 -4.02
CA ALA A 70 22.92 -29.55 -4.43
C ALA A 70 21.51 -29.55 -4.91
N ALA A 71 20.61 -28.89 -4.20
CA ALA A 71 19.19 -28.92 -4.55
C ALA A 71 18.90 -28.26 -5.89
N ALA A 72 19.52 -27.10 -6.12
CA ALA A 72 19.36 -26.34 -7.38
C ALA A 72 19.88 -27.10 -8.60
N THR A 73 21.05 -27.72 -8.48
CA THR A 73 21.69 -28.42 -9.60
C THR A 73 20.81 -29.67 -9.94
N GLU A 74 20.31 -30.31 -8.90
CA GLU A 74 19.43 -31.46 -9.09
C GLU A 74 18.17 -31.03 -9.87
N LEU A 75 17.68 -29.82 -9.60
CA LEU A 75 16.48 -29.35 -10.29
C LEU A 75 16.78 -28.57 -11.57
N GLY A 76 18.03 -28.31 -11.83
CA GLY A 76 18.37 -27.44 -12.96
C GLY A 76 17.91 -25.98 -12.83
N ALA A 77 17.72 -25.50 -11.58
CA ALA A 77 17.33 -24.12 -11.27
C ALA A 77 18.55 -23.22 -11.04
N HIS A 78 18.47 -21.96 -11.49
CA HIS A 78 19.37 -20.87 -11.05
C HIS A 78 18.72 -20.10 -9.91
N ILE A 79 19.36 -20.08 -8.75
CA ILE A 79 18.71 -19.54 -7.56
C ILE A 79 19.72 -18.55 -7.01
N GLY A 80 19.29 -17.31 -6.81
CA GLY A 80 20.18 -16.22 -6.30
C GLY A 80 20.60 -16.59 -4.91
N LEU A 81 21.82 -16.23 -4.52
CA LEU A 81 22.28 -16.50 -3.18
C LEU A 81 22.60 -15.19 -2.47
N ALA A 82 21.76 -14.88 -1.46
CA ALA A 82 21.92 -13.60 -0.81
C ALA A 82 22.43 -13.72 0.64
N LEU A 83 23.37 -12.83 0.98
CA LEU A 83 23.95 -12.70 2.30
C LEU A 83 23.41 -11.38 2.87
N ASP A 84 22.66 -11.46 3.96
CA ASP A 84 22.01 -10.32 4.56
C ASP A 84 22.82 -10.04 5.84
N THR A 85 23.51 -8.93 5.85
CA THR A 85 24.43 -8.65 6.94
C THR A 85 23.70 -8.37 8.26
N LYS A 86 24.42 -8.61 9.36
CA LYS A 86 23.96 -8.23 10.69
C LYS A 86 23.83 -6.73 10.82
N GLY A 87 24.93 -6.07 10.49
CA GLY A 87 25.00 -4.64 10.57
C GLY A 87 25.31 -4.22 11.99
N PRO A 88 25.68 -2.96 12.16
CA PRO A 88 25.87 -2.40 13.49
C PRO A 88 24.51 -2.30 14.23
N GLU A 89 24.46 -2.73 15.49
CA GLU A 89 23.24 -2.60 16.32
C GLU A 89 23.43 -1.66 17.55
N ILE A 90 22.36 -0.96 17.95
CA ILE A 90 22.38 -0.19 19.22
C ILE A 90 21.61 -0.96 20.28
N ARG A 91 22.35 -1.57 21.21
CA ARG A 91 21.79 -2.31 22.35
C ARG A 91 21.91 -1.59 23.75
N THR A 92 21.09 -2.00 24.72
CA THR A 92 21.25 -1.58 26.14
C THR A 92 22.23 -2.50 26.84
N GLY A 93 22.40 -2.30 28.14
CA GLY A 93 23.33 -3.09 28.96
C GLY A 93 22.50 -4.08 29.75
N LEU A 94 22.96 -4.40 30.95
CA LEU A 94 22.27 -5.31 31.85
C LEU A 94 21.51 -4.56 32.94
N PHE A 95 20.67 -5.28 33.67
CA PHE A 95 19.88 -4.69 34.77
C PHE A 95 19.99 -5.60 35.96
N LYS A 96 20.23 -5.01 37.14
CA LYS A 96 20.14 -5.81 38.35
C LYS A 96 18.76 -6.47 38.30
N ASP A 97 18.73 -7.76 38.60
CA ASP A 97 17.47 -8.53 38.61
C ASP A 97 16.91 -8.83 37.22
N GLY A 98 17.72 -8.61 36.19
CA GLY A 98 17.45 -9.03 34.83
C GLY A 98 16.42 -8.19 34.11
N GLY A 99 15.83 -7.22 34.82
CA GLY A 99 15.01 -6.22 34.17
C GLY A 99 14.32 -5.21 35.07
N ILE A 100 13.92 -4.10 34.47
CA ILE A 100 13.27 -2.99 35.18
C ILE A 100 11.86 -2.75 34.64
N ALA A 101 10.94 -2.42 35.55
CA ALA A 101 9.60 -1.90 35.26
C ALA A 101 9.68 -0.38 35.06
N LEU A 102 9.19 0.14 33.94
CA LEU A 102 9.22 1.58 33.76
C LEU A 102 7.81 1.98 33.49
N ALA A 103 7.40 3.07 34.13
CA ALA A 103 6.03 3.58 34.13
C ALA A 103 5.98 4.99 33.49
N PRO A 104 4.95 5.29 32.67
CA PRO A 104 4.85 6.62 31.99
C PRO A 104 5.02 7.74 32.99
N GLY A 105 5.75 8.79 32.66
CA GLY A 105 5.99 9.85 33.67
C GLY A 105 7.15 9.57 34.63
N ASP A 106 7.74 8.37 34.54
CA ASP A 106 9.06 8.15 35.15
C ASP A 106 10.09 9.00 34.36
N THR A 107 11.16 9.47 35.00
CA THR A 107 12.30 9.86 34.20
C THR A 107 13.32 8.77 34.44
N VAL A 108 14.29 8.65 33.54
CA VAL A 108 15.36 7.66 33.69
C VAL A 108 16.65 8.23 33.09
N LEU A 109 17.81 7.85 33.62
CA LEU A 109 19.07 8.32 33.06
C LEU A 109 19.62 7.23 32.15
N VAL A 110 19.94 7.63 30.94
CA VAL A 110 20.56 6.75 29.99
C VAL A 110 22.00 7.16 29.77
N THR A 111 22.90 6.22 30.00
CA THR A 111 24.28 6.53 29.91
C THR A 111 25.06 5.66 28.91
N SER A 112 25.73 6.35 28.00
CA SER A 112 26.70 5.73 27.11
C SER A 112 28.00 5.44 27.86
N ASP A 113 27.97 5.47 29.18
CA ASP A 113 29.21 5.32 29.98
C ASP A 113 29.47 3.89 30.37
N PRO A 114 30.45 3.23 29.73
CA PRO A 114 30.85 1.86 29.99
C PRO A 114 30.77 1.33 31.44
N ALA A 115 30.99 2.17 32.44
CA ALA A 115 31.03 1.66 33.84
C ALA A 115 29.65 1.28 34.42
N PHE A 116 28.58 1.57 33.70
CA PHE A 116 27.21 1.21 34.15
C PHE A 116 26.62 0.00 33.39
N GLU A 117 27.47 -0.51 32.49
CA GLU A 117 27.26 -1.69 31.65
C GLU A 117 26.30 -2.76 32.21
N LYS A 118 26.70 -3.31 33.35
CA LYS A 118 26.12 -4.51 33.92
C LYS A 118 25.41 -4.24 35.26
N ILE A 119 24.95 -3.01 35.44
CA ILE A 119 24.36 -2.63 36.71
C ILE A 119 23.20 -1.65 36.51
N GLY A 120 22.49 -1.77 35.40
CA GLY A 120 21.33 -0.91 35.16
C GLY A 120 20.28 -1.02 36.25
N THR A 121 19.49 0.04 36.43
CA THR A 121 18.35 0.03 37.32
C THR A 121 17.32 0.91 36.70
N LYS A 122 16.23 1.09 37.44
CA LYS A 122 15.10 1.87 37.02
C LYS A 122 15.47 3.35 36.91
N GLU A 123 16.56 3.73 37.59
CA GLU A 123 16.99 5.12 37.66
C GLU A 123 18.02 5.44 36.60
N LYS A 124 18.86 4.47 36.25
CA LYS A 124 19.95 4.72 35.33
C LYS A 124 20.38 3.38 34.71
N PHE A 125 20.54 3.35 33.40
CA PHE A 125 21.15 2.18 32.77
C PHE A 125 21.99 2.57 31.54
N TYR A 126 22.82 1.60 31.10
CA TYR A 126 23.73 1.72 29.92
C TYR A 126 23.12 1.55 28.48
N ILE A 127 23.59 2.38 27.54
CA ILE A 127 23.29 2.23 26.11
C ILE A 127 24.50 2.47 25.24
N GLU A 128 24.85 1.46 24.45
CA GLU A 128 26.16 1.32 23.75
C GLU A 128 26.74 2.44 22.83
N TYR A 129 25.94 3.42 22.48
CA TYR A 129 26.24 4.38 21.41
C TYR A 129 27.04 5.62 21.92
N PRO A 130 28.41 5.62 21.84
CA PRO A 130 29.21 6.76 22.37
C PRO A 130 28.80 8.22 22.00
N ARG A 131 28.23 8.44 20.82
CA ARG A 131 27.79 9.79 20.40
C ARG A 131 26.37 10.10 20.86
N LEU A 132 25.94 9.40 21.91
CA LEU A 132 24.57 9.50 22.49
C LEU A 132 24.12 10.95 22.67
N SER A 133 24.86 11.64 23.55
CA SER A 133 24.63 13.06 23.93
C SER A 133 24.77 14.04 22.76
N ILE A 134 25.64 13.71 21.82
CA ILE A 134 25.83 14.45 20.56
C ILE A 134 24.64 14.21 19.57
N THR A 135 24.28 12.96 19.29
CA THR A 135 23.31 12.71 18.24
C THR A 135 21.86 13.01 18.69
N VAL A 136 21.56 12.81 19.96
CA VAL A 136 20.19 12.94 20.44
C VAL A 136 20.12 14.15 21.34
N ARG A 137 19.03 14.89 21.23
CA ARG A 137 18.96 16.25 21.81
C ARG A 137 17.63 16.51 22.53
N PRO A 138 17.61 17.42 23.52
CA PRO A 138 16.33 17.71 24.12
C PRO A 138 15.17 17.70 23.08
N GLY A 139 14.17 16.84 23.26
CA GLY A 139 12.99 16.82 22.39
C GLY A 139 12.93 15.66 21.39
N GLY A 140 14.10 15.08 21.07
CA GLY A 140 14.19 13.85 20.27
C GLY A 140 13.84 12.63 21.14
N PHE A 141 13.65 11.47 20.49
CA PHE A 141 13.16 10.22 21.13
C PHE A 141 14.15 9.06 21.01
N ILE A 142 14.22 8.22 22.03
CA ILE A 142 14.96 6.93 21.93
C ILE A 142 13.91 5.81 22.07
N TYR A 143 13.95 4.87 21.16
CA TYR A 143 12.96 3.77 21.17
C TYR A 143 13.73 2.53 21.52
N ILE A 144 13.14 1.69 22.36
CA ILE A 144 13.83 0.47 22.80
C ILE A 144 12.87 -0.72 22.77
N ASP A 145 13.47 -1.87 22.50
CA ASP A 145 12.82 -3.17 22.40
C ASP A 145 11.81 -3.21 21.25
N ASP A 146 12.32 -3.32 20.02
CA ASP A 146 11.47 -3.25 18.80
C ASP A 146 10.49 -2.12 18.93
N GLY A 147 11.02 -0.97 19.34
CA GLY A 147 10.27 0.27 19.50
C GLY A 147 9.05 0.31 20.39
N VAL A 148 8.91 -0.61 21.36
CA VAL A 148 7.71 -0.52 22.22
C VAL A 148 7.95 0.49 23.36
N LEU A 149 9.17 0.51 23.90
CA LEU A 149 9.51 1.50 24.92
C LEU A 149 9.91 2.84 24.25
N SER A 150 9.09 3.88 24.48
CA SER A 150 9.42 5.21 24.00
C SER A 150 9.92 6.17 25.11
N LEU A 151 11.15 6.64 24.91
CA LEU A 151 11.78 7.67 25.81
C LEU A 151 11.90 9.01 25.13
N LYS A 152 11.42 10.10 25.74
CA LYS A 152 11.69 11.44 25.18
C LYS A 152 12.82 12.13 25.97
N VAL A 153 13.82 12.65 25.25
CA VAL A 153 15.05 13.21 25.87
C VAL A 153 14.74 14.56 26.46
N LEU A 154 14.84 14.64 27.78
CA LEU A 154 14.63 15.92 28.47
C LEU A 154 15.88 16.81 28.37
N SER A 155 17.06 16.23 28.58
CA SER A 155 18.25 17.07 28.76
C SER A 155 19.52 16.26 28.73
N LYS A 156 20.62 16.96 28.53
CA LYS A 156 21.90 16.33 28.65
C LYS A 156 22.40 16.67 30.04
N GLU A 157 22.82 15.62 30.75
CA GLU A 157 23.24 15.72 32.15
C GLU A 157 24.75 15.88 32.27
N ASP A 158 25.49 15.09 31.49
CA ASP A 158 26.93 15.23 31.28
C ASP A 158 27.21 14.70 29.88
N GLU A 159 28.46 14.53 29.50
CA GLU A 159 28.76 14.14 28.11
C GLU A 159 28.24 12.72 27.86
N TYR A 160 28.13 11.94 28.95
CA TYR A 160 27.75 10.51 28.97
C TYR A 160 26.29 10.18 29.14
N THR A 161 25.49 11.12 29.62
CA THR A 161 24.24 10.76 30.24
C THR A 161 23.14 11.66 29.77
N LEU A 162 22.01 11.07 29.36
CA LEU A 162 20.85 11.89 29.05
C LEU A 162 19.74 11.63 30.06
N LYS A 163 19.03 12.68 30.44
CA LYS A 163 17.84 12.47 31.22
C LYS A 163 16.64 12.29 30.30
N CYS A 164 15.80 11.29 30.58
CA CYS A 164 14.73 10.88 29.66
C CYS A 164 13.35 10.69 30.36
N TYR A 165 12.28 11.08 29.65
CA TYR A 165 10.90 10.89 30.07
C TYR A 165 10.36 9.56 29.54
N VAL A 166 9.77 8.77 30.42
CA VAL A 166 9.23 7.49 29.96
C VAL A 166 7.82 7.72 29.39
N ASN A 167 7.68 7.47 28.10
CA ASN A 167 6.35 7.68 27.45
C ASN A 167 5.32 6.59 27.74
N ASN A 168 5.77 5.36 27.94
CA ASN A 168 4.86 4.22 28.22
C ASN A 168 5.44 3.12 29.12
N ALA A 169 4.51 2.41 29.74
CA ALA A 169 4.82 1.29 30.63
C ALA A 169 5.58 0.28 29.84
N HIS A 170 6.63 -0.27 30.43
CA HIS A 170 7.34 -1.37 29.80
C HIS A 170 8.25 -2.09 30.78
N PHE A 171 8.48 -3.39 30.53
CA PHE A 171 9.43 -4.15 31.33
C PHE A 171 10.64 -4.41 30.48
N LEU A 172 11.76 -3.79 30.87
CA LEU A 172 12.96 -3.77 30.05
C LEU A 172 13.97 -4.79 30.54
N THR A 173 14.50 -5.62 29.64
CA THR A 173 15.41 -6.68 30.04
C THR A 173 16.78 -6.51 29.38
N ASP A 174 17.74 -7.33 29.79
CA ASP A 174 19.09 -7.22 29.32
C ASP A 174 19.17 -7.12 27.78
N ARG A 175 20.03 -6.23 27.29
CA ARG A 175 20.44 -6.17 25.89
C ARG A 175 19.42 -5.83 24.82
N LYS A 176 18.31 -5.15 25.15
CA LYS A 176 17.34 -4.82 24.10
C LYS A 176 17.85 -3.79 23.08
N GLY A 177 17.28 -3.82 21.88
CA GLY A 177 17.74 -2.97 20.81
C GLY A 177 17.11 -1.60 20.88
N CYS A 178 17.88 -0.57 20.52
CA CYS A 178 17.41 0.83 20.48
C CYS A 178 17.52 1.49 19.10
N ASN A 179 16.54 2.35 18.82
CA ASN A 179 16.44 3.16 17.61
C ASN A 179 16.33 4.65 17.97
N LEU A 180 16.82 5.50 17.07
CA LEU A 180 16.88 6.95 17.29
C LEU A 180 16.17 7.69 16.13
N PRO A 181 14.81 7.81 16.19
CA PRO A 181 14.00 8.39 15.10
C PRO A 181 14.46 9.76 14.63
N GLY A 182 14.48 9.97 13.32
CA GLY A 182 14.86 11.27 12.80
C GLY A 182 16.32 11.70 13.05
N CYS A 183 17.15 10.80 13.54
CA CYS A 183 18.57 11.10 13.88
C CYS A 183 19.61 10.71 12.84
N GLU A 184 20.73 11.42 12.89
CA GLU A 184 21.90 11.03 12.12
C GLU A 184 22.71 10.09 12.97
N VAL A 185 22.49 8.80 12.78
CA VAL A 185 23.08 7.75 13.60
C VAL A 185 24.54 7.55 13.17
N ASP A 186 25.48 8.01 14.00
CA ASP A 186 26.94 7.99 13.69
C ASP A 186 27.51 6.61 14.01
N LEU A 187 27.27 5.67 13.11
CA LEU A 187 27.68 4.25 13.24
C LEU A 187 28.27 3.83 11.88
N PRO A 188 29.29 2.94 11.86
CA PRO A 188 29.90 2.58 10.56
C PRO A 188 28.91 1.87 9.61
N ALA A 189 29.22 1.86 8.31
CA ALA A 189 28.45 1.14 7.32
C ALA A 189 28.49 -0.34 7.64
N VAL A 190 29.69 -0.81 7.96
CA VAL A 190 29.91 -2.22 8.15
C VAL A 190 30.60 -2.46 9.47
N SER A 191 30.03 -3.34 10.28
CA SER A 191 30.66 -3.70 11.53
C SER A 191 31.93 -4.53 11.28
N GLU A 192 32.61 -4.89 12.35
CA GLU A 192 33.81 -5.70 12.28
C GLU A 192 33.40 -7.11 11.86
N LYS A 193 32.33 -7.61 12.47
CA LYS A 193 31.73 -8.88 12.11
C LYS A 193 31.26 -8.94 10.62
N ASP A 194 30.86 -7.78 10.08
CA ASP A 194 30.28 -7.70 8.74
C ASP A 194 31.39 -7.99 7.73
N ARG A 195 32.55 -7.31 7.90
CA ARG A 195 33.72 -7.53 7.06
C ARG A 195 34.07 -8.98 6.90
N GLU A 196 34.11 -9.68 8.02
CA GLU A 196 34.46 -11.08 8.05
C GLU A 196 33.37 -11.89 7.33
N ASP A 197 32.11 -11.48 7.53
CA ASP A 197 30.98 -12.11 6.88
C ASP A 197 31.06 -11.88 5.39
N LEU A 198 31.39 -10.66 4.99
CA LEU A 198 31.49 -10.30 3.58
C LEU A 198 32.60 -11.07 2.88
N LYS A 199 33.72 -11.18 3.61
CA LYS A 199 34.88 -11.95 3.17
C LYS A 199 34.51 -13.43 2.97
N PHE A 200 33.90 -14.04 3.96
CA PHE A 200 33.32 -15.37 3.73
C PHE A 200 32.48 -15.37 2.40
N GLY A 201 31.51 -14.48 2.30
CA GLY A 201 30.58 -14.41 1.15
C GLY A 201 31.25 -14.35 -0.21
N VAL A 202 32.27 -13.48 -0.31
CA VAL A 202 33.06 -13.38 -1.51
C VAL A 202 33.72 -14.71 -1.85
N GLU A 203 34.27 -15.40 -0.86
CA GLU A 203 35.00 -16.63 -1.07
C GLU A 203 34.06 -17.71 -1.54
N GLN A 204 32.82 -17.64 -1.06
CA GLN A 204 31.85 -18.68 -1.29
C GLN A 204 31.06 -18.34 -2.55
N GLY A 205 31.34 -17.18 -3.14
CA GLY A 205 30.70 -16.80 -4.41
C GLY A 205 29.20 -16.53 -4.30
N ILE A 206 28.80 -15.70 -3.33
CA ILE A 206 27.45 -15.17 -3.24
C ILE A 206 27.08 -14.27 -4.45
N ASP A 207 25.80 -14.08 -4.70
CA ASP A 207 25.36 -13.31 -5.88
C ASP A 207 25.10 -11.88 -5.53
N MET A 208 24.72 -11.64 -4.27
CA MET A 208 24.27 -10.33 -3.88
C MET A 208 24.37 -10.25 -2.38
N VAL A 209 24.40 -9.00 -1.91
CA VAL A 209 24.44 -8.75 -0.49
C VAL A 209 23.21 -7.93 -0.18
N PHE A 210 22.52 -8.26 0.89
CA PHE A 210 21.51 -7.35 1.43
C PHE A 210 22.19 -6.49 2.54
N ALA A 211 22.57 -5.26 2.23
CA ALA A 211 23.36 -4.48 3.22
C ALA A 211 22.47 -3.79 4.26
N SER A 212 22.59 -4.22 5.52
CA SER A 212 21.78 -3.63 6.60
C SER A 212 22.00 -2.12 6.87
N PHE A 213 20.92 -1.42 7.16
CA PHE A 213 20.97 -0.12 7.80
C PHE A 213 21.81 0.85 6.97
N ILE A 214 21.44 1.00 5.69
CA ILE A 214 22.12 1.91 4.81
C ILE A 214 21.47 3.27 4.92
N ARG A 215 22.30 4.26 5.26
CA ARG A 215 21.78 5.59 5.52
C ARG A 215 22.29 6.65 4.60
N THR A 216 23.37 6.41 3.83
CA THR A 216 23.95 7.44 3.01
C THR A 216 24.56 6.75 1.86
N ALA A 217 24.75 7.44 0.74
CA ALA A 217 25.46 6.85 -0.45
C ALA A 217 26.89 6.47 -0.11
N GLU A 218 27.51 7.25 0.79
CA GLU A 218 28.92 6.99 1.16
C GLU A 218 29.06 5.66 1.83
N GLN A 219 28.09 5.30 2.66
CA GLN A 219 28.11 3.97 3.24
C GLN A 219 27.99 2.85 2.23
N VAL A 220 27.38 3.11 1.07
CA VAL A 220 27.23 2.03 0.09
C VAL A 220 28.60 1.84 -0.47
N GLN A 221 29.26 2.98 -0.67
CA GLN A 221 30.67 2.97 -1.13
C GLN A 221 31.55 2.12 -0.20
N GLU A 222 31.27 2.15 1.10
CA GLU A 222 32.05 1.38 2.11
C GLU A 222 31.76 -0.11 1.96
N VAL A 223 30.48 -0.48 1.75
CA VAL A 223 30.18 -1.87 1.45
C VAL A 223 30.93 -2.33 0.21
N ARG A 224 31.04 -1.46 -0.77
CA ARG A 224 31.70 -1.81 -2.05
C ARG A 224 33.20 -2.11 -1.83
N GLU A 225 33.87 -1.33 -0.96
CA GLU A 225 35.31 -1.55 -0.69
C GLU A 225 35.50 -2.87 0.06
N ALA A 226 34.67 -3.10 1.06
CA ALA A 226 34.69 -4.33 1.82
C ALA A 226 34.49 -5.59 0.99
N LEU A 227 33.74 -5.51 -0.12
CA LEU A 227 33.63 -6.68 -1.01
C LEU A 227 34.91 -6.79 -1.83
N GLY A 228 35.43 -5.65 -2.29
CA GLY A 228 36.76 -5.56 -2.87
C GLY A 228 36.78 -5.90 -4.34
N GLU A 229 37.99 -5.95 -4.90
CA GLU A 229 38.17 -6.28 -6.30
C GLU A 229 37.60 -7.67 -6.57
N LYS A 230 37.78 -8.56 -5.62
CA LYS A 230 37.32 -9.92 -5.79
C LYS A 230 35.77 -10.01 -5.80
N GLY A 231 35.12 -9.11 -5.07
CA GLY A 231 33.65 -9.14 -5.02
C GLY A 231 33.01 -8.05 -5.85
N LYS A 232 33.72 -7.55 -6.87
CA LYS A 232 33.31 -6.34 -7.56
C LYS A 232 32.04 -6.56 -8.39
N ASP A 233 31.74 -7.82 -8.72
CA ASP A 233 30.56 -8.18 -9.52
C ASP A 233 29.40 -8.67 -8.65
N ILE A 234 29.56 -8.60 -7.32
CA ILE A 234 28.47 -9.01 -6.43
C ILE A 234 27.53 -7.83 -6.29
N LEU A 235 26.22 -8.10 -6.31
CA LEU A 235 25.26 -6.97 -6.21
C LEU A 235 25.08 -6.50 -4.78
N ILE A 236 24.94 -5.18 -4.62
CA ILE A 236 24.66 -4.62 -3.33
C ILE A 236 23.22 -4.15 -3.35
N ILE A 237 22.38 -4.74 -2.54
CA ILE A 237 21.02 -4.28 -2.41
C ILE A 237 20.97 -3.52 -1.06
N SER A 238 20.77 -2.21 -1.08
CA SER A 238 20.79 -1.50 0.18
C SER A 238 19.45 -1.57 0.91
N LYS A 239 19.51 -1.96 2.19
CA LYS A 239 18.32 -2.06 3.06
C LYS A 239 18.02 -0.70 3.67
N ILE A 240 16.81 -0.22 3.41
CA ILE A 240 16.47 1.12 3.86
C ILE A 240 15.66 0.94 5.09
N GLU A 241 16.13 1.53 6.19
CA GLU A 241 15.66 1.16 7.53
C GLU A 241 15.22 2.31 8.41
N ASN A 242 15.58 3.54 8.03
CA ASN A 242 15.29 4.67 8.85
C ASN A 242 15.06 5.90 8.00
N HIS A 243 14.76 7.01 8.68
CA HIS A 243 14.42 8.31 8.02
C HIS A 243 15.57 8.76 7.13
N GLN A 244 16.78 8.67 7.68
CA GLN A 244 17.94 9.13 6.93
C GLN A 244 18.10 8.34 5.65
N GLY A 245 17.92 7.03 5.70
CA GLY A 245 17.98 6.27 4.46
C GLY A 245 16.89 6.75 3.47
N VAL A 246 15.70 7.06 3.95
CA VAL A 246 14.65 7.53 3.05
C VAL A 246 15.01 8.94 2.53
N GLN A 247 15.58 9.80 3.40
CA GLN A 247 16.03 11.13 2.91
C GLN A 247 17.02 11.08 1.78
N ASN A 248 17.98 10.18 1.86
CA ASN A 248 19.10 10.10 0.91
C ASN A 248 18.87 9.08 -0.18
N ILE A 249 17.61 8.67 -0.37
CA ILE A 249 17.31 7.50 -1.25
C ILE A 249 17.88 7.67 -2.62
N ASP A 250 17.92 8.91 -3.12
CA ASP A 250 18.50 9.15 -4.47
C ASP A 250 19.97 8.81 -4.59
N GLY A 251 20.77 9.32 -3.64
CA GLY A 251 22.20 8.98 -3.66
C GLY A 251 22.36 7.49 -3.39
N ILE A 252 21.56 6.97 -2.47
CA ILE A 252 21.73 5.54 -2.18
C ILE A 252 21.33 4.71 -3.42
N ILE A 253 20.25 5.10 -4.10
CA ILE A 253 19.86 4.28 -5.29
C ILE A 253 20.98 4.33 -6.36
N GLU A 254 21.46 5.53 -6.62
CA GLU A 254 22.47 5.68 -7.65
C GLU A 254 23.74 4.87 -7.33
N ALA A 255 24.05 4.68 -6.05
CA ALA A 255 25.29 3.98 -5.70
C ALA A 255 25.08 2.47 -5.62
N SER A 256 23.83 2.04 -5.42
CA SER A 256 23.55 0.61 -5.18
C SER A 256 23.09 -0.11 -6.46
N ASP A 257 22.96 -1.43 -6.38
CA ASP A 257 22.40 -2.21 -7.51
C ASP A 257 20.91 -2.41 -7.35
N GLY A 258 20.41 -2.15 -6.14
CA GLY A 258 18.96 -2.28 -5.85
C GLY A 258 18.72 -1.87 -4.44
N ILE A 259 17.45 -1.93 -4.06
CA ILE A 259 16.94 -1.50 -2.75
C ILE A 259 16.08 -2.62 -2.12
N MET A 260 16.21 -2.71 -0.82
CA MET A 260 15.27 -3.46 0.00
C MET A 260 14.48 -2.51 0.92
N VAL A 261 13.16 -2.57 0.82
CA VAL A 261 12.32 -1.71 1.70
C VAL A 261 12.06 -2.53 2.97
N ALA A 262 12.68 -2.15 4.11
CA ALA A 262 12.59 -3.02 5.26
C ALA A 262 11.53 -2.41 6.20
N ARG A 263 10.27 -2.86 5.99
CA ARG A 263 9.09 -2.17 6.50
C ARG A 263 9.05 -2.22 8.03
N GLY A 264 9.36 -3.39 8.59
CA GLY A 264 9.44 -3.59 10.04
C GLY A 264 10.41 -2.58 10.69
N ASP A 265 11.60 -2.45 10.17
CA ASP A 265 12.56 -1.51 10.75
C ASP A 265 12.12 -0.08 10.54
N LEU A 266 11.71 0.28 9.32
CA LEU A 266 11.13 1.58 9.09
C LEU A 266 10.02 1.96 10.09
N GLY A 267 9.19 0.99 10.44
CA GLY A 267 8.09 1.15 11.38
C GLY A 267 8.47 1.42 12.83
N VAL A 268 9.72 1.15 13.22
CA VAL A 268 10.09 1.35 14.61
C VAL A 268 10.28 2.84 14.66
N GLU A 269 10.75 3.37 13.55
CA GLU A 269 11.23 4.73 13.45
C GLU A 269 10.16 5.76 13.06
N ILE A 270 9.19 5.34 12.23
CA ILE A 270 8.42 6.26 11.41
C ILE A 270 7.00 5.81 11.55
N PRO A 271 6.03 6.75 11.58
CA PRO A 271 4.59 6.32 11.75
C PRO A 271 4.17 5.33 10.66
N ALA A 272 3.29 4.39 10.99
CA ALA A 272 2.96 3.32 10.04
C ALA A 272 2.44 3.87 8.74
N GLU A 273 1.65 4.92 8.80
CA GLU A 273 1.08 5.47 7.57
C GLU A 273 2.12 6.08 6.69
N LYS A 274 3.26 6.57 7.25
CA LYS A 274 4.30 7.15 6.41
C LYS A 274 5.21 6.06 5.82
N VAL A 275 5.31 4.94 6.51
CA VAL A 275 5.94 3.75 5.94
C VAL A 275 5.27 3.24 4.66
N VAL A 276 3.95 3.17 4.68
CA VAL A 276 3.20 2.85 3.45
C VAL A 276 3.62 3.76 2.31
N VAL A 277 3.71 5.05 2.55
CA VAL A 277 4.07 5.97 1.48
C VAL A 277 5.59 5.88 1.15
N ALA A 278 6.43 5.63 2.16
CA ALA A 278 7.86 5.50 1.88
C ALA A 278 8.07 4.32 0.94
N GLN A 279 7.34 3.23 1.19
CA GLN A 279 7.43 2.07 0.36
C GLN A 279 7.09 2.47 -1.05
N MET A 280 6.03 3.25 -1.26
CA MET A 280 5.65 3.64 -2.64
C MET A 280 6.75 4.45 -3.34
N ILE A 281 7.26 5.46 -2.63
CA ILE A 281 8.32 6.36 -3.14
C ILE A 281 9.52 5.56 -3.50
N LEU A 282 9.94 4.64 -2.61
CA LEU A 282 11.16 3.87 -2.85
C LEU A 282 11.04 2.94 -4.04
N ILE A 283 9.94 2.18 -4.09
CA ILE A 283 9.70 1.30 -5.22
C ILE A 283 9.63 2.13 -6.51
N SER A 284 8.88 3.24 -6.50
CA SER A 284 8.81 3.98 -7.75
C SER A 284 10.15 4.59 -8.24
N LYS A 285 10.98 5.12 -7.32
CA LYS A 285 12.29 5.60 -7.75
C LYS A 285 13.11 4.47 -8.34
N CYS A 286 12.97 3.27 -7.74
CA CYS A 286 13.65 2.09 -8.26
C CYS A 286 13.14 1.69 -9.60
N ASN A 287 11.81 1.69 -9.77
CA ASN A 287 11.27 1.42 -11.11
C ASN A 287 11.85 2.36 -12.13
N VAL A 288 11.91 3.66 -11.83
CA VAL A 288 12.41 4.63 -12.84
C VAL A 288 13.94 4.41 -13.06
N ALA A 289 14.70 4.13 -11.99
CA ALA A 289 16.14 3.83 -12.19
C ALA A 289 16.36 2.48 -12.91
N GLY A 290 15.32 1.65 -13.11
CA GLY A 290 15.58 0.33 -13.70
C GLY A 290 16.47 -0.56 -12.81
N LYS A 291 16.28 -0.51 -11.50
CA LYS A 291 17.01 -1.32 -10.55
C LYS A 291 16.05 -2.09 -9.67
N PRO A 292 16.43 -3.32 -9.29
CA PRO A 292 15.45 -4.19 -8.61
C PRO A 292 15.11 -3.63 -7.21
N VAL A 293 13.87 -3.79 -6.80
CA VAL A 293 13.47 -3.39 -5.46
C VAL A 293 12.75 -4.61 -4.80
N ILE A 294 13.20 -4.91 -3.60
CA ILE A 294 12.63 -5.98 -2.81
C ILE A 294 11.81 -5.45 -1.60
N CYS A 295 10.58 -5.97 -1.49
CA CYS A 295 9.78 -5.64 -0.31
CA CYS A 295 9.74 -5.65 -0.35
C CYS A 295 9.89 -6.73 0.74
N ALA A 296 10.18 -6.31 1.98
CA ALA A 296 10.59 -7.25 3.04
C ALA A 296 10.01 -6.96 4.41
N THR A 297 9.82 -8.05 5.17
CA THR A 297 9.34 -8.10 6.56
C THR A 297 7.85 -7.87 6.62
N GLN A 298 7.24 -8.55 7.59
CA GLN A 298 5.87 -8.31 7.98
C GLN A 298 5.07 -8.69 6.76
N MET A 299 5.48 -9.78 6.09
CA MET A 299 4.80 -10.20 4.86
C MET A 299 3.57 -11.07 5.06
N LEU A 300 3.74 -12.35 5.43
CA LEU A 300 2.62 -13.22 5.79
C LEU A 300 2.99 -13.92 7.13
N GLU A 301 3.45 -13.07 8.08
CA GLU A 301 3.95 -13.45 9.41
CA GLU A 301 4.04 -13.57 9.31
C GLU A 301 3.10 -14.48 10.13
N SER A 302 1.78 -14.25 10.12
CA SER A 302 0.83 -15.16 10.79
C SER A 302 0.87 -16.59 10.20
N MET A 303 1.31 -16.71 8.96
CA MET A 303 1.44 -18.03 8.36
C MET A 303 2.72 -18.77 8.80
N THR A 304 3.42 -18.22 9.78
CA THR A 304 4.53 -18.90 10.39
C THR A 304 4.00 -20.07 11.22
N THR A 305 2.86 -19.90 11.91
CA THR A 305 2.27 -20.98 12.71
C THR A 305 0.84 -21.33 12.34
N ASN A 306 0.19 -20.52 11.51
CA ASN A 306 -1.15 -20.82 11.10
C ASN A 306 -1.15 -21.32 9.68
N PRO A 307 -2.11 -22.20 9.33
CA PRO A 307 -2.05 -22.67 7.94
C PRO A 307 -2.54 -21.62 6.93
N ARG A 308 -2.99 -20.47 7.44
CA ARG A 308 -3.37 -19.37 6.54
C ARG A 308 -3.18 -18.00 7.16
N PRO A 309 -2.92 -17.00 6.32
CA PRO A 309 -2.63 -15.63 6.72
C PRO A 309 -3.94 -14.90 6.90
N THR A 310 -3.90 -13.69 7.41
CA THR A 310 -5.13 -12.89 7.39
C THR A 310 -5.29 -12.21 6.02
N ARG A 311 -6.52 -11.77 5.71
CA ARG A 311 -6.74 -11.00 4.47
C ARG A 311 -5.87 -9.69 4.44
N ALA A 312 -5.75 -9.00 5.57
CA ALA A 312 -4.92 -7.75 5.63
C ALA A 312 -3.49 -8.07 5.15
N GLU A 313 -3.02 -9.28 5.44
CA GLU A 313 -1.68 -9.69 5.08
C GLU A 313 -1.55 -9.93 3.61
N VAL A 314 -2.55 -10.63 3.02
CA VAL A 314 -2.57 -10.98 1.66
C VAL A 314 -2.66 -9.65 0.88
N SER A 315 -3.46 -8.68 1.36
CA SER A 315 -3.59 -7.37 0.70
C SER A 315 -2.24 -6.59 0.73
N ASP A 316 -1.51 -6.74 1.81
CA ASP A 316 -0.19 -6.08 1.95
C ASP A 316 0.82 -6.67 0.93
N VAL A 317 0.85 -8.00 0.75
CA VAL A 317 1.61 -8.56 -0.33
C VAL A 317 1.18 -8.07 -1.73
N ALA A 318 -0.12 -8.15 -2.05
CA ALA A 318 -0.58 -7.75 -3.34
C ALA A 318 -0.14 -6.27 -3.59
N ASN A 319 -0.30 -5.43 -2.58
CA ASN A 319 -0.03 -4.01 -2.84
CA ASN A 319 0.01 -3.98 -2.59
C ASN A 319 1.45 -3.70 -2.96
N ALA A 320 2.31 -4.61 -2.51
CA ALA A 320 3.75 -4.51 -2.83
C ALA A 320 3.90 -4.73 -4.31
N VAL A 321 3.23 -5.77 -4.83
CA VAL A 321 3.26 -5.97 -6.24
C VAL A 321 2.65 -4.78 -7.01
N PHE A 322 1.51 -4.25 -6.57
CA PHE A 322 0.82 -3.14 -7.28
C PHE A 322 1.72 -1.89 -7.21
N ASN A 323 2.45 -1.69 -6.09
CA ASN A 323 3.31 -0.47 -5.97
C ASN A 323 4.36 -0.59 -7.06
N GLY A 324 4.61 -1.81 -7.56
CA GLY A 324 5.73 -2.01 -8.54
C GLY A 324 6.94 -2.84 -8.08
N ALA A 325 6.96 -3.36 -6.85
CA ALA A 325 8.14 -4.13 -6.39
C ALA A 325 8.54 -5.24 -7.36
N ASP A 326 9.84 -5.42 -7.60
CA ASP A 326 10.20 -6.65 -8.35
C ASP A 326 9.94 -7.93 -7.49
N CYS A 327 10.32 -7.86 -6.20
CA CYS A 327 10.34 -9.01 -5.31
C CYS A 327 9.60 -8.77 -4.00
N VAL A 328 9.15 -9.87 -3.41
CA VAL A 328 8.60 -9.89 -2.11
C VAL A 328 9.43 -10.93 -1.37
N MET A 329 9.62 -10.73 -0.08
CA MET A 329 10.52 -11.57 0.70
C MET A 329 9.78 -12.23 1.86
N LEU A 330 10.05 -13.53 2.06
CA LEU A 330 9.66 -14.22 3.30
C LEU A 330 10.81 -14.29 4.32
N SER A 331 10.49 -14.10 5.61
CA SER A 331 11.49 -14.24 6.67
C SER A 331 11.23 -15.47 7.54
N GLY A 332 10.62 -15.31 8.68
CA GLY A 332 10.41 -16.50 9.57
C GLY A 332 9.47 -17.48 8.92
N GLU A 333 8.59 -16.99 8.06
CA GLU A 333 7.59 -17.89 7.46
C GLU A 333 8.25 -19.09 6.80
N THR A 334 9.46 -18.90 6.22
CA THR A 334 10.19 -20.01 5.58
C THR A 334 11.35 -20.51 6.45
N ALA A 335 11.98 -19.59 7.19
CA ALA A 335 13.14 -19.89 8.02
C ALA A 335 12.75 -20.83 9.20
N LYS A 336 11.73 -20.46 9.98
CA LYS A 336 11.31 -21.31 11.09
C LYS A 336 9.86 -21.80 11.06
N GLY A 337 9.10 -21.41 10.04
CA GLY A 337 7.67 -21.65 10.10
C GLY A 337 7.36 -23.10 9.90
N LYS A 338 6.10 -23.39 10.13
CA LYS A 338 5.54 -24.71 10.07
C LYS A 338 5.08 -25.02 8.68
N TYR A 339 4.87 -23.98 7.84
CA TYR A 339 4.31 -24.21 6.51
C TYR A 339 5.16 -23.69 5.31
N PRO A 340 6.50 -23.87 5.33
CA PRO A 340 7.38 -23.22 4.34
C PRO A 340 6.95 -23.40 2.85
N ASN A 341 6.45 -24.57 2.47
CA ASN A 341 6.06 -24.78 1.09
C ASN A 341 4.78 -24.07 0.71
N GLU A 342 3.82 -24.06 1.64
CA GLU A 342 2.51 -23.48 1.40
C GLU A 342 2.60 -21.97 1.38
N VAL A 343 3.49 -21.38 2.19
CA VAL A 343 3.55 -19.91 2.23
C VAL A 343 4.07 -19.39 0.92
N VAL A 344 5.13 -20.04 0.44
CA VAL A 344 5.75 -19.71 -0.84
C VAL A 344 4.75 -19.87 -2.00
N GLN A 345 4.08 -21.02 -2.04
CA GLN A 345 3.06 -21.24 -3.08
C GLN A 345 1.95 -20.24 -3.01
N TYR A 346 1.56 -19.88 -1.78
CA TYR A 346 0.52 -18.94 -1.61
C TYR A 346 1.02 -17.53 -2.05
N MET A 347 2.20 -17.18 -1.59
CA MET A 347 2.81 -15.92 -2.00
C MET A 347 2.87 -15.79 -3.53
N ALA A 348 3.12 -16.91 -4.20
CA ALA A 348 3.20 -16.89 -5.62
C ALA A 348 1.79 -16.75 -6.26
N ARG A 349 0.77 -17.32 -5.64
CA ARG A 349 -0.64 -17.11 -6.05
C ARG A 349 -1.03 -15.60 -5.86
N ILE A 350 -0.67 -15.01 -4.74
CA ILE A 350 -0.98 -13.61 -4.53
C ILE A 350 -0.28 -12.76 -5.65
N CYS A 351 0.96 -13.06 -5.94
CA CYS A 351 1.68 -12.35 -6.98
C CYS A 351 0.95 -12.47 -8.32
N LEU A 352 0.55 -13.69 -8.66
CA LEU A 352 -0.18 -13.89 -9.91
C LEU A 352 -1.40 -13.04 -9.94
N GLU A 353 -2.22 -13.00 -8.86
CA GLU A 353 -3.49 -12.28 -8.87
C GLU A 353 -3.25 -10.80 -9.09
N ALA A 354 -2.26 -10.23 -8.37
CA ALA A 354 -1.97 -8.81 -8.45
C ALA A 354 -1.51 -8.52 -9.86
N GLN A 355 -0.57 -9.32 -10.38
CA GLN A 355 -0.08 -9.08 -11.74
C GLN A 355 -1.23 -9.04 -12.73
N SER A 356 -2.19 -9.93 -12.57
CA SER A 356 -3.26 -10.04 -13.55
C SER A 356 -4.19 -8.85 -13.38
N ALA A 357 -4.37 -8.38 -12.14
CA ALA A 357 -5.22 -7.22 -11.89
C ALA A 357 -4.48 -5.86 -12.15
N THR A 358 -3.21 -5.89 -12.55
CA THR A 358 -2.50 -4.63 -12.89
C THR A 358 -2.59 -4.30 -14.39
N ASN A 359 -2.82 -3.03 -14.75
CA ASN A 359 -2.77 -2.63 -16.16
C ASN A 359 -1.33 -2.35 -16.49
N GLN A 360 -0.70 -3.31 -17.15
CA GLN A 360 0.76 -3.30 -17.32
C GLN A 360 1.17 -2.25 -18.37
N ALA A 361 0.28 -1.99 -19.32
CA ALA A 361 0.56 -0.96 -20.32
C ALA A 361 0.74 0.46 -19.72
N VAL A 362 -0.03 0.76 -18.66
CA VAL A 362 0.06 1.98 -17.96
C VAL A 362 1.42 2.19 -17.33
N MET A 363 2.00 1.16 -16.70
CA MET A 363 3.44 1.28 -16.20
C MET A 363 4.48 1.46 -17.29
N PHE A 364 4.31 0.71 -18.36
CA PHE A 364 5.11 0.98 -19.54
C PHE A 364 4.99 2.43 -19.99
N ASN A 365 3.74 2.96 -20.15
CA ASN A 365 3.59 4.35 -20.62
C ASN A 365 4.20 5.37 -19.62
N SER A 366 4.01 5.13 -18.33
CA SER A 366 4.58 6.02 -17.30
C SER A 366 6.10 6.11 -17.35
N ILE A 367 6.73 4.97 -17.42
CA ILE A 367 8.19 4.93 -17.53
C ILE A 367 8.65 5.59 -18.81
N LYS A 368 8.02 5.23 -19.93
CA LYS A 368 8.43 5.78 -21.21
C LYS A 368 8.39 7.31 -21.20
N LYS A 369 7.39 7.88 -20.50
CA LYS A 369 7.15 9.32 -20.61
C LYS A 369 8.17 10.13 -19.81
N MET A 370 8.96 9.44 -19.01
CA MET A 370 10.00 10.05 -18.28
C MET A 370 11.36 10.06 -18.97
N GLN A 371 11.43 9.59 -20.21
CA GLN A 371 12.71 9.59 -20.94
C GLN A 371 12.94 10.94 -21.64
N LYS A 372 14.14 11.48 -21.64
CA LYS A 372 14.32 12.73 -22.41
C LYS A 372 14.57 12.35 -23.85
N LEU A 373 14.09 13.18 -24.78
CA LEU A 373 14.32 12.96 -26.18
C LEU A 373 15.37 14.04 -26.51
N PRO A 374 16.44 13.72 -27.28
CA PRO A 374 16.82 12.43 -27.87
C PRO A 374 17.25 11.40 -26.82
N MET A 375 16.82 10.15 -27.03
CA MET A 375 17.19 9.06 -26.18
C MET A 375 18.48 8.54 -26.72
N SER A 376 19.27 7.92 -25.85
CA SER A 376 20.41 7.12 -26.29
C SER A 376 19.91 5.90 -27.10
N PRO A 377 20.77 5.37 -27.97
CA PRO A 377 20.40 4.19 -28.74
C PRO A 377 19.94 3.01 -27.86
N GLU A 378 20.69 2.78 -26.78
CA GLU A 378 20.36 1.69 -25.88
C GLU A 378 18.94 1.79 -25.28
N GLU A 379 18.56 2.98 -24.79
CA GLU A 379 17.26 3.16 -24.24
C GLU A 379 16.20 3.04 -25.34
N ALA A 380 16.53 3.57 -26.51
CA ALA A 380 15.58 3.57 -27.65
C ALA A 380 15.25 2.13 -28.06
N VAL A 381 16.25 1.28 -28.11
CA VAL A 381 16.07 -0.11 -28.50
C VAL A 381 15.28 -0.91 -27.44
N CYS A 382 15.57 -0.77 -26.15
CA CYS A 382 14.79 -1.53 -25.20
C CYS A 382 13.37 -1.05 -25.15
N SER A 383 13.13 0.25 -25.11
CA SER A 383 11.80 0.73 -25.02
C SER A 383 10.98 0.35 -26.29
N SER A 384 11.63 0.46 -27.43
CA SER A 384 11.02 0.07 -28.67
C SER A 384 10.71 -1.47 -28.73
N ALA A 385 11.59 -2.30 -28.19
CA ALA A 385 11.29 -3.75 -28.10
C ALA A 385 10.10 -4.03 -27.21
N VAL A 386 10.03 -3.37 -26.07
CA VAL A 386 8.85 -3.52 -25.22
C VAL A 386 7.55 -3.06 -25.92
N ASN A 387 7.60 -1.90 -26.53
CA ASN A 387 6.49 -1.47 -27.38
C ASN A 387 6.06 -2.50 -28.45
N SER A 388 7.06 -3.06 -29.13
CA SER A 388 6.77 -4.05 -30.12
C SER A 388 6.02 -5.19 -29.51
N VAL A 389 6.42 -5.61 -28.30
CA VAL A 389 5.77 -6.76 -27.67
C VAL A 389 4.27 -6.44 -27.56
N TYR A 390 3.95 -5.24 -27.09
CA TYR A 390 2.55 -4.75 -27.03
C TYR A 390 1.89 -4.66 -28.41
N GLU A 391 2.61 -4.19 -29.42
CA GLU A 391 1.99 -3.95 -30.73
C GLU A 391 1.65 -5.19 -31.55
N VAL A 392 2.50 -6.21 -31.42
CA VAL A 392 2.26 -7.44 -32.18
C VAL A 392 1.75 -8.54 -31.26
N ARG A 393 1.57 -8.22 -29.99
CA ARG A 393 1.21 -9.20 -28.98
C ARG A 393 2.19 -10.38 -28.95
N ALA A 394 3.46 -10.07 -28.73
CA ALA A 394 4.43 -11.14 -28.74
C ALA A 394 4.26 -11.84 -27.41
N LYS A 395 4.67 -13.09 -27.32
CA LYS A 395 4.53 -13.83 -26.06
C LYS A 395 5.83 -14.03 -25.25
N ALA A 396 7.00 -13.66 -25.79
CA ALA A 396 8.21 -13.55 -24.92
C ALA A 396 9.12 -12.48 -25.45
N LEU A 397 9.96 -11.90 -24.56
CA LEU A 397 10.95 -11.00 -25.02
C LEU A 397 12.33 -11.64 -24.66
N LEU A 398 13.16 -11.84 -25.68
CA LEU A 398 14.41 -12.50 -25.56
C LEU A 398 15.54 -11.45 -25.66
N VAL A 399 16.36 -11.35 -24.63
CA VAL A 399 17.44 -10.38 -24.59
C VAL A 399 18.75 -11.17 -24.45
N LEU A 400 19.73 -10.91 -25.32
CA LEU A 400 21.07 -11.48 -25.26
C LEU A 400 21.94 -10.48 -24.52
N SER A 401 22.28 -10.78 -23.29
CA SER A 401 22.99 -9.81 -22.51
C SER A 401 23.81 -10.60 -21.55
N ASN A 402 25.12 -10.40 -21.61
CA ASN A 402 25.99 -11.24 -20.78
C ASN A 402 26.02 -10.88 -19.35
N SER A 403 25.93 -9.59 -19.09
CA SER A 403 25.94 -9.07 -17.73
C SER A 403 24.55 -8.95 -17.13
N GLY A 404 23.51 -9.06 -17.96
CA GLY A 404 22.15 -8.88 -17.46
C GLY A 404 21.65 -7.45 -17.53
N ARG A 405 22.55 -6.48 -17.70
CA ARG A 405 22.14 -5.09 -17.80
C ARG A 405 20.93 -4.91 -18.75
N SER A 406 21.09 -5.41 -19.93
CA SER A 406 20.10 -5.28 -20.92
C SER A 406 18.74 -5.98 -20.52
N ALA A 407 18.76 -7.08 -19.74
CA ALA A 407 17.53 -7.67 -19.19
C ALA A 407 16.89 -6.76 -18.11
N ARG A 408 17.73 -6.12 -17.27
CA ARG A 408 17.18 -5.13 -16.32
C ARG A 408 16.61 -3.89 -17.02
N LEU A 409 17.16 -3.55 -18.16
CA LEU A 409 16.64 -2.42 -18.93
C LEU A 409 15.27 -2.78 -19.61
N ALA A 410 15.12 -3.95 -20.22
CA ALA A 410 13.76 -4.30 -20.74
C ALA A 410 12.75 -4.33 -19.60
N SER A 411 13.15 -4.94 -18.50
CA SER A 411 12.21 -5.17 -17.38
C SER A 411 11.67 -3.91 -16.77
N LYS A 412 12.52 -2.88 -16.72
CA LYS A 412 12.11 -1.55 -16.33
C LYS A 412 10.91 -1.00 -17.13
N TYR A 413 10.87 -1.30 -18.42
CA TYR A 413 9.77 -0.98 -19.31
C TYR A 413 8.53 -1.87 -19.13
N ARG A 414 8.64 -2.93 -18.34
CA ARG A 414 7.47 -3.68 -17.89
C ARG A 414 6.63 -4.31 -19.04
N PRO A 415 7.22 -5.14 -19.87
CA PRO A 415 6.40 -5.84 -20.87
C PRO A 415 5.45 -6.80 -20.17
N ASP A 416 4.33 -7.15 -20.79
CA ASP A 416 3.38 -8.02 -20.14
C ASP A 416 3.66 -9.54 -20.42
N CYS A 417 4.82 -9.85 -21.00
CA CYS A 417 5.21 -11.21 -21.28
C CYS A 417 6.54 -11.50 -20.49
N PRO A 418 6.92 -12.79 -20.38
CA PRO A 418 8.22 -13.09 -19.73
C PRO A 418 9.41 -12.58 -20.53
N ILE A 419 10.48 -12.22 -19.84
CA ILE A 419 11.71 -11.82 -20.53
C ILE A 419 12.68 -13.00 -20.44
N ILE A 420 13.20 -13.52 -21.57
CA ILE A 420 14.22 -14.57 -21.48
C ILE A 420 15.55 -13.83 -21.65
N CYS A 421 16.54 -14.13 -20.79
CA CYS A 421 17.86 -13.52 -20.99
C CYS A 421 18.86 -14.61 -21.26
N ALA A 422 19.46 -14.67 -22.46
CA ALA A 422 20.45 -15.64 -22.77
C ALA A 422 21.85 -14.98 -22.37
N THR A 423 22.57 -15.63 -21.49
CA THR A 423 23.82 -15.07 -21.02
C THR A 423 24.87 -16.16 -20.94
N THR A 424 26.11 -15.75 -21.20
CA THR A 424 27.25 -16.63 -21.10
C THR A 424 27.73 -16.88 -19.66
N ARG A 425 27.05 -16.32 -18.65
CA ARG A 425 27.50 -16.44 -17.27
C ARG A 425 26.44 -16.91 -16.28
N MET A 426 26.79 -17.97 -15.54
CA MET A 426 25.92 -18.47 -14.51
C MET A 426 25.64 -17.42 -13.42
N ARG A 427 26.58 -16.54 -13.14
CA ARG A 427 26.36 -15.59 -12.06
CA ARG A 427 26.37 -15.60 -12.05
C ARG A 427 25.27 -14.60 -12.48
N THR A 428 25.25 -14.24 -13.75
CA THR A 428 24.16 -13.42 -14.31
C THR A 428 22.84 -14.15 -14.14
N CYS A 429 22.81 -15.44 -14.47
CA CYS A 429 21.54 -16.16 -14.29
C CYS A 429 21.00 -15.99 -12.84
N ARG A 430 21.90 -16.11 -11.89
CA ARG A 430 21.51 -16.10 -10.47
C ARG A 430 21.19 -14.68 -10.04
N GLN A 431 21.92 -13.71 -10.59
CA GLN A 431 21.66 -12.31 -10.25
C GLN A 431 20.33 -11.78 -10.85
N LEU A 432 19.94 -12.33 -12.01
CA LEU A 432 18.67 -11.94 -12.65
C LEU A 432 17.42 -12.35 -11.89
N THR A 433 17.58 -13.14 -10.84
CA THR A 433 16.45 -13.69 -10.11
C THR A 433 15.72 -12.66 -9.28
N ILE A 434 16.24 -11.45 -9.13
CA ILE A 434 15.50 -10.42 -8.42
C ILE A 434 14.86 -9.44 -9.38
N THR A 435 14.94 -9.72 -10.67
CA THR A 435 14.42 -8.80 -11.66
C THR A 435 13.09 -9.26 -12.24
N ARG A 436 12.10 -8.40 -12.12
CA ARG A 436 10.76 -8.75 -12.61
C ARG A 436 10.71 -9.30 -14.05
N SER A 437 10.00 -10.43 -14.21
CA SER A 437 9.65 -11.02 -15.53
C SER A 437 10.72 -11.87 -16.12
N VAL A 438 11.92 -11.87 -15.53
CA VAL A 438 13.06 -12.46 -16.22
C VAL A 438 13.27 -13.95 -15.90
N ASP A 439 13.53 -14.78 -16.93
CA ASP A 439 14.05 -16.18 -16.75
C ASP A 439 15.35 -16.11 -17.54
N ALA A 440 16.48 -16.28 -16.89
CA ALA A 440 17.78 -16.37 -17.59
C ALA A 440 18.00 -17.78 -18.11
N VAL A 441 18.72 -17.91 -19.22
CA VAL A 441 19.13 -19.24 -19.64
C VAL A 441 20.62 -19.11 -19.94
N PHE A 442 21.37 -20.12 -19.52
CA PHE A 442 22.79 -20.12 -19.63
C PHE A 442 23.18 -20.61 -21.02
N TYR A 443 23.95 -19.80 -21.72
CA TYR A 443 24.61 -20.18 -23.00
C TYR A 443 26.07 -20.56 -22.72
N ASP A 444 26.32 -21.86 -22.79
CA ASP A 444 27.69 -22.39 -22.56
C ASP A 444 28.63 -22.15 -23.77
N ALA A 445 29.22 -20.96 -23.83
CA ALA A 445 30.11 -20.60 -24.94
C ALA A 445 31.41 -21.45 -25.08
N GLU A 446 31.92 -21.98 -23.96
CA GLU A 446 32.99 -23.00 -23.91
C GLU A 446 32.69 -24.19 -24.71
N ARG A 447 31.44 -24.62 -24.67
CA ARG A 447 31.11 -25.80 -25.37
C ARG A 447 30.59 -25.50 -26.79
N TYR A 448 29.82 -24.42 -26.93
CA TYR A 448 29.10 -24.24 -28.20
C TYR A 448 29.67 -23.15 -29.06
N GLY A 449 30.64 -22.41 -28.49
CA GLY A 449 31.41 -21.48 -29.26
C GLY A 449 30.98 -20.05 -29.04
N GLU A 450 31.64 -19.14 -29.75
CA GLU A 450 31.41 -17.71 -29.57
C GLU A 450 30.06 -17.24 -30.14
N ASP A 451 29.47 -17.96 -31.09
CA ASP A 451 28.13 -17.63 -31.54
C ASP A 451 28.09 -16.15 -31.99
N GLU A 452 29.09 -15.77 -32.79
CA GLU A 452 29.17 -14.43 -33.37
C GLU A 452 27.89 -14.08 -34.16
N ASN A 453 27.25 -15.06 -34.80
CA ASN A 453 26.03 -14.69 -35.53
C ASN A 453 24.77 -14.60 -34.64
N LYS A 454 24.97 -14.76 -33.33
CA LYS A 454 23.88 -14.84 -32.32
C LYS A 454 22.90 -15.96 -32.56
N GLU A 455 23.06 -16.74 -33.61
CA GLU A 455 21.99 -17.73 -33.94
C GLU A 455 21.81 -18.86 -32.92
N LYS A 456 22.87 -19.28 -32.23
CA LYS A 456 22.64 -20.39 -31.25
C LYS A 456 21.95 -19.88 -30.00
N ARG A 457 22.26 -18.63 -29.60
CA ARG A 457 21.61 -18.01 -28.43
C ARG A 457 20.14 -17.66 -28.73
N VAL A 458 19.82 -17.19 -29.95
CA VAL A 458 18.40 -16.94 -30.30
C VAL A 458 17.61 -18.27 -30.23
N GLN A 459 18.15 -19.32 -30.82
CA GLN A 459 17.51 -20.66 -30.70
C GLN A 459 17.38 -21.16 -29.26
N LEU A 460 18.38 -20.89 -28.43
CA LEU A 460 18.38 -21.31 -27.04
C LEU A 460 17.28 -20.58 -26.27
N GLY A 461 17.21 -19.25 -26.46
CA GLY A 461 16.20 -18.42 -25.88
C GLY A 461 14.81 -18.92 -26.33
N VAL A 462 14.62 -19.16 -27.61
CA VAL A 462 13.29 -19.68 -28.11
C VAL A 462 12.97 -21.04 -27.48
N ASP A 463 13.97 -21.92 -27.36
CA ASP A 463 13.76 -23.25 -26.76
C ASP A 463 13.33 -23.19 -25.30
N CYS A 464 13.98 -22.25 -24.59
CA CYS A 464 13.69 -21.99 -23.20
C CYS A 464 12.27 -21.52 -23.03
N ALA A 465 11.79 -20.65 -23.93
CA ALA A 465 10.42 -20.14 -23.88
C ALA A 465 9.43 -21.26 -24.23
N LYS A 466 9.79 -22.15 -25.15
CA LYS A 466 8.92 -23.34 -25.49
C LYS A 466 8.83 -24.29 -24.33
N LYS A 467 9.98 -24.64 -23.75
CA LYS A 467 10.00 -25.55 -22.58
C LYS A 467 9.15 -25.03 -21.42
N LYS A 468 9.20 -23.72 -21.20
CA LYS A 468 8.42 -23.18 -20.10
C LYS A 468 6.95 -22.95 -20.46
N GLY A 469 6.56 -23.26 -21.66
CA GLY A 469 5.15 -23.06 -22.02
C GLY A 469 4.77 -21.62 -22.41
N TYR A 470 5.76 -20.72 -22.56
CA TYR A 470 5.46 -19.32 -22.85
C TYR A 470 4.99 -19.16 -24.29
N VAL A 471 5.67 -19.87 -25.20
CA VAL A 471 5.41 -19.75 -26.63
C VAL A 471 5.10 -21.15 -27.25
N VAL A 472 4.33 -21.17 -28.33
CA VAL A 472 4.33 -22.37 -29.21
C VAL A 472 4.68 -21.96 -30.64
N PRO A 473 4.90 -22.92 -31.53
CA PRO A 473 5.14 -22.51 -32.91
C PRO A 473 3.96 -21.66 -33.46
N GLY A 474 4.32 -20.60 -34.22
CA GLY A 474 3.40 -19.60 -34.77
C GLY A 474 3.22 -18.39 -33.85
N ASP A 475 3.63 -18.46 -32.59
CA ASP A 475 3.58 -17.31 -31.71
C ASP A 475 4.70 -16.36 -32.15
N LEU A 476 4.64 -15.10 -31.72
CA LEU A 476 5.77 -14.16 -31.99
C LEU A 476 6.63 -13.99 -30.75
N MET A 477 7.92 -13.73 -30.98
CA MET A 477 8.81 -13.26 -29.97
C MET A 477 9.56 -12.01 -30.47
N VAL A 478 9.94 -11.15 -29.58
CA VAL A 478 10.79 -9.99 -29.94
C VAL A 478 12.15 -10.32 -29.30
N VAL A 479 13.21 -10.11 -30.06
CA VAL A 479 14.57 -10.38 -29.70
C VAL A 479 15.36 -9.09 -29.70
N VAL A 480 16.18 -8.90 -28.67
CA VAL A 480 17.11 -7.77 -28.57
C VAL A 480 18.60 -8.26 -28.42
N HIS A 481 19.50 -7.84 -29.31
CA HIS A 481 20.93 -8.21 -29.25
C HIS A 481 21.88 -7.21 -29.97
N ALA A 482 23.19 -7.32 -29.69
CA ALA A 482 24.18 -6.46 -30.39
C ALA A 482 24.39 -6.85 -31.86
N ASP A 483 24.84 -5.91 -32.69
CA ASP A 483 25.28 -6.24 -34.08
C ASP A 483 26.72 -6.75 -34.05
N HIS A 484 27.40 -6.70 -35.19
CA HIS A 484 28.82 -7.11 -35.32
C HIS A 484 29.85 -6.02 -34.99
N LYS A 485 29.39 -4.91 -34.42
CA LYS A 485 30.25 -3.74 -34.16
C LYS A 485 30.06 -3.12 -32.77
N VAL A 486 28.81 -3.08 -32.30
CA VAL A 486 28.51 -2.50 -30.99
C VAL A 486 28.85 -3.47 -29.81
N LYS A 487 29.57 -2.95 -28.81
CA LYS A 487 29.78 -3.69 -27.55
C LYS A 487 29.25 -2.88 -26.37
N GLY A 488 28.72 -3.56 -25.38
CA GLY A 488 28.13 -2.87 -24.25
C GLY A 488 26.60 -2.91 -24.24
N TYR A 489 25.97 -2.83 -25.41
CA TYR A 489 24.50 -2.83 -25.45
C TYR A 489 23.94 -3.43 -26.73
N PRO A 490 22.75 -4.04 -26.63
CA PRO A 490 22.18 -4.52 -27.88
C PRO A 490 21.54 -3.32 -28.59
N ASN A 491 21.79 -3.21 -29.88
CA ASN A 491 21.37 -2.04 -30.61
C ASN A 491 20.51 -2.53 -31.75
N GLN A 492 20.12 -3.78 -31.65
CA GLN A 492 19.48 -4.50 -32.76
C GLN A 492 18.26 -5.26 -32.27
N THR A 493 17.20 -5.32 -33.10
CA THR A 493 15.92 -5.91 -32.68
C THR A 493 15.47 -6.76 -33.80
N ARG A 494 14.77 -7.86 -33.48
CA ARG A 494 14.07 -8.70 -34.45
C ARG A 494 12.75 -9.03 -33.89
N ILE A 495 11.79 -9.19 -34.78
CA ILE A 495 10.50 -9.77 -34.44
C ILE A 495 10.46 -11.09 -35.18
N ILE A 496 10.34 -12.18 -34.42
CA ILE A 496 10.44 -13.49 -35.04
C ILE A 496 9.17 -14.36 -34.79
N TYR A 497 8.86 -15.23 -35.75
CA TYR A 497 7.86 -16.28 -35.53
C TYR A 497 8.53 -17.44 -34.83
N VAL A 498 7.93 -17.95 -33.77
CA VAL A 498 8.41 -19.18 -33.18
C VAL A 498 8.08 -20.33 -34.18
N SER A 499 9.07 -21.19 -34.41
CA SER A 499 8.90 -22.38 -35.19
C SER A 499 9.27 -23.62 -34.40
N MET B 1 2.45 13.64 -16.34
CA MET B 1 2.15 13.18 -14.96
C MET B 1 1.24 11.94 -14.86
N SER B 2 1.55 11.18 -13.82
CA SER B 2 1.12 9.80 -13.71
C SER B 2 1.32 9.59 -12.24
N GLN B 3 0.75 8.50 -11.76
CA GLN B 3 0.94 8.12 -10.37
C GLN B 3 2.42 7.89 -10.12
N LEU B 4 3.10 7.27 -11.08
CA LEU B 4 4.47 6.98 -10.99
C LEU B 4 5.30 8.28 -10.73
N ALA B 5 5.06 9.34 -11.52
CA ALA B 5 5.82 10.57 -11.41
C ALA B 5 5.43 11.31 -10.14
N HIS B 6 4.15 11.21 -9.78
CA HIS B 6 3.76 11.76 -8.47
C HIS B 6 4.56 11.07 -7.28
N ASN B 7 4.68 9.75 -7.27
CA ASN B 7 5.36 9.07 -6.23
C ASN B 7 6.83 9.48 -6.18
N VAL B 8 7.54 9.50 -7.29
CA VAL B 8 8.96 9.86 -7.16
C VAL B 8 9.25 11.25 -6.63
N ASN B 9 8.26 12.12 -6.70
CA ASN B 9 8.43 13.52 -6.34
C ASN B 9 7.86 13.83 -4.96
N LEU B 10 7.29 12.85 -4.27
CA LEU B 10 6.72 13.07 -2.96
C LEU B 10 7.81 13.25 -1.91
N SER B 11 7.53 14.09 -0.93
CA SER B 11 8.35 14.16 0.28
C SER B 11 7.53 13.77 1.50
N ILE B 12 7.84 12.60 2.08
CA ILE B 12 7.02 12.15 3.19
C ILE B 12 7.20 12.93 4.46
N PHE B 13 8.27 13.70 4.57
CA PHE B 13 8.47 14.48 5.78
C PHE B 13 7.99 15.92 5.66
N GLU B 14 7.47 16.29 4.50
CA GLU B 14 6.81 17.57 4.41
C GLU B 14 5.45 17.56 5.10
N PRO B 15 5.05 18.72 5.65
CA PRO B 15 3.69 18.77 6.22
C PRO B 15 2.63 18.64 5.08
N ILE B 16 1.48 18.04 5.38
CA ILE B 16 0.43 17.87 4.36
C ILE B 16 -0.46 19.11 4.34
N SER B 17 -0.66 19.70 3.17
CA SER B 17 -1.53 20.88 3.06
C SER B 17 -2.92 20.52 2.50
N HIS B 18 -3.12 19.26 2.17
CA HIS B 18 -4.46 18.83 1.75
C HIS B 18 -5.47 18.81 2.88
N HIS B 19 -6.74 18.93 2.53
CA HIS B 19 -7.82 18.83 3.49
C HIS B 19 -8.57 17.46 3.30
N ARG B 20 -8.79 16.72 4.38
CA ARG B 20 -9.16 15.31 4.30
C ARG B 20 -10.45 15.18 3.54
N ALA B 21 -10.42 14.42 2.47
CA ALA B 21 -11.60 14.20 1.60
C ALA B 21 -12.36 12.93 1.91
N ASN B 22 -11.66 11.93 2.44
CA ASN B 22 -12.35 10.64 2.68
C ASN B 22 -13.17 10.76 3.98
N ARG B 23 -14.18 9.92 4.14
CA ARG B 23 -15.13 10.04 5.23
C ARG B 23 -15.17 8.72 6.08
N ILE B 24 -15.48 8.86 7.38
CA ILE B 24 -15.26 7.81 8.34
C ILE B 24 -16.61 7.47 8.92
N VAL B 25 -17.04 6.21 8.74
CA VAL B 25 -18.24 5.69 9.42
C VAL B 25 -17.91 5.01 10.74
N CYS B 26 -18.63 5.36 11.82
CA CYS B 26 -18.39 4.74 13.11
C CYS B 26 -19.59 3.96 13.62
N THR B 27 -19.33 2.72 14.09
CA THR B 27 -20.43 1.97 14.69
C THR B 27 -20.59 2.40 16.14
N ILE B 28 -21.81 2.68 16.53
CA ILE B 28 -22.08 3.14 17.87
C ILE B 28 -22.51 1.94 18.71
N GLY B 29 -21.85 1.81 19.86
CA GLY B 29 -22.22 0.81 20.88
C GLY B 29 -21.91 1.36 22.27
N PRO B 30 -21.80 0.46 23.26
CA PRO B 30 -21.55 0.86 24.65
C PRO B 30 -20.36 1.77 24.87
N SER B 31 -19.33 1.66 24.03
CA SER B 31 -18.17 2.52 24.25
C SER B 31 -18.47 3.94 23.84
N THR B 32 -19.50 4.11 23.02
CA THR B 32 -19.63 5.34 22.27
C THR B 32 -21.01 6.01 22.36
N GLN B 33 -21.93 5.41 23.10
CA GLN B 33 -23.33 5.81 23.08
C GLN B 33 -23.69 7.10 23.79
N SER B 34 -22.91 7.50 24.79
CA SER B 34 -23.30 8.67 25.55
C SER B 34 -23.16 9.92 24.68
N VAL B 35 -23.83 10.98 25.11
CA VAL B 35 -23.71 12.23 24.46
C VAL B 35 -22.24 12.71 24.35
N GLU B 36 -21.46 12.58 25.41
CA GLU B 36 -20.06 13.06 25.45
C GLU B 36 -19.12 12.19 24.57
N ALA B 37 -19.37 10.90 24.53
CA ALA B 37 -18.63 9.97 23.68
C ALA B 37 -18.97 10.27 22.19
N LEU B 38 -20.21 10.59 21.87
CA LEU B 38 -20.49 11.01 20.49
C LEU B 38 -19.88 12.35 20.10
N LYS B 39 -19.93 13.33 20.98
CA LYS B 39 -19.14 14.55 20.80
C LYS B 39 -17.68 14.30 20.48
N GLY B 40 -17.03 13.39 21.21
CA GLY B 40 -15.64 13.06 20.97
C GLY B 40 -15.39 12.39 19.61
N LEU B 41 -16.31 11.50 19.20
CA LEU B 41 -16.23 10.88 17.89
C LEU B 41 -16.32 11.91 16.83
N ILE B 42 -17.33 12.77 16.93
CA ILE B 42 -17.55 13.82 15.93
C ILE B 42 -16.30 14.72 15.88
N ARG B 43 -15.77 15.12 17.02
CA ARG B 43 -14.52 15.92 16.99
C ARG B 43 -13.36 15.14 16.40
N SER B 44 -13.42 13.82 16.53
CA SER B 44 -12.29 12.99 16.14
C SER B 44 -12.31 12.73 14.64
N GLY B 45 -13.48 12.88 13.98
CA GLY B 45 -13.56 12.72 12.54
C GLY B 45 -14.72 11.85 12.05
N MET B 46 -15.68 11.52 12.91
CA MET B 46 -16.85 10.73 12.46
C MET B 46 -17.75 11.59 11.59
N SER B 47 -18.17 11.05 10.45
CA SER B 47 -19.19 11.66 9.59
C SER B 47 -20.48 10.88 9.59
N VAL B 48 -20.44 9.58 9.89
CA VAL B 48 -21.64 8.75 9.83
C VAL B 48 -21.68 7.84 11.05
N ALA B 49 -22.85 7.81 11.70
CA ALA B 49 -23.05 6.94 12.82
C ALA B 49 -23.80 5.74 12.31
N ARG B 50 -23.21 4.57 12.52
CA ARG B 50 -23.86 3.29 12.13
C ARG B 50 -24.45 2.57 13.36
N MET B 51 -25.66 2.06 13.17
CA MET B 51 -26.34 1.30 14.18
C MET B 51 -26.46 -0.09 13.64
N ASN B 52 -25.85 -1.06 14.32
CA ASN B 52 -25.85 -2.44 13.87
C ASN B 52 -27.04 -3.18 14.44
N PHE B 53 -28.05 -3.41 13.60
CA PHE B 53 -29.28 -3.99 14.10
C PHE B 53 -29.24 -5.50 14.23
N SER B 54 -28.06 -6.07 14.05
CA SER B 54 -27.84 -7.47 14.43
C SER B 54 -27.91 -7.67 15.93
N HIS B 55 -27.71 -6.60 16.67
CA HIS B 55 -27.69 -6.73 18.11
C HIS B 55 -28.48 -5.55 18.70
N GLY B 56 -28.82 -5.63 19.99
CA GLY B 56 -29.68 -4.67 20.66
C GLY B 56 -31.11 -4.58 20.15
N SER B 57 -31.94 -3.91 20.93
CA SER B 57 -33.36 -3.78 20.71
C SER B 57 -33.59 -2.40 20.07
N HIS B 58 -34.80 -2.14 19.60
CA HIS B 58 -35.18 -0.79 19.21
C HIS B 58 -34.87 0.30 20.22
N GLU B 59 -35.14 0.04 21.50
CA GLU B 59 -34.92 1.05 22.54
C GLU B 59 -33.46 1.30 22.81
N TYR B 60 -32.65 0.29 22.61
CA TYR B 60 -31.22 0.49 22.69
C TYR B 60 -30.78 1.51 21.61
N HIS B 61 -31.23 1.28 20.39
CA HIS B 61 -30.72 2.08 19.29
C HIS B 61 -31.35 3.46 19.29
N GLN B 62 -32.57 3.53 19.81
CA GLN B 62 -33.24 4.82 20.06
C GLN B 62 -32.35 5.71 20.88
N THR B 63 -31.66 5.17 21.89
CA THR B 63 -30.81 5.99 22.72
C THR B 63 -29.68 6.55 21.85
N THR B 64 -29.11 5.72 20.97
CA THR B 64 -28.07 6.19 20.07
C THR B 64 -28.59 7.35 19.24
N ILE B 65 -29.75 7.14 18.65
CA ILE B 65 -30.37 8.14 17.79
C ILE B 65 -30.52 9.44 18.56
N ASN B 66 -31.13 9.38 19.76
CA ASN B 66 -31.42 10.60 20.47
C ASN B 66 -30.12 11.24 20.91
N ASN B 67 -29.17 10.45 21.40
CA ASN B 67 -27.90 11.08 21.84
C ASN B 67 -27.07 11.70 20.70
N LEU B 68 -27.15 11.06 19.52
CA LEU B 68 -26.44 11.53 18.33
C LEU B 68 -26.95 12.89 17.91
N ARG B 69 -28.27 12.97 17.80
CA ARG B 69 -28.90 14.30 17.53
C ARG B 69 -28.59 15.37 18.57
N ALA B 70 -28.56 15.01 19.86
CA ALA B 70 -28.16 16.00 20.87
C ALA B 70 -26.73 16.40 20.63
N ALA B 71 -25.82 15.44 20.54
CA ALA B 71 -24.37 15.75 20.34
C ALA B 71 -24.01 16.59 19.08
N ALA B 72 -24.73 16.29 17.99
CA ALA B 72 -24.51 16.91 16.70
C ALA B 72 -25.06 18.35 16.64
N THR B 73 -26.28 18.50 17.12
CA THR B 73 -26.84 19.83 17.33
C THR B 73 -25.91 20.69 18.17
N GLU B 74 -25.38 20.15 19.26
CA GLU B 74 -24.49 20.95 20.10
C GLU B 74 -23.22 21.43 19.39
N LEU B 75 -22.69 20.60 18.49
CA LEU B 75 -21.44 20.94 17.81
C LEU B 75 -21.72 21.64 16.51
N GLY B 76 -22.97 21.75 16.14
CA GLY B 76 -23.28 22.32 14.83
C GLY B 76 -23.08 21.40 13.63
N ALA B 77 -23.00 20.07 13.84
CA ALA B 77 -22.56 19.14 12.78
C ALA B 77 -23.69 18.34 12.14
N HIS B 78 -23.56 18.03 10.84
CA HIS B 78 -24.54 17.17 10.22
C HIS B 78 -23.95 15.79 10.13
N ILE B 79 -24.53 14.80 10.80
CA ILE B 79 -23.92 13.51 10.85
C ILE B 79 -24.93 12.56 10.26
N GLY B 80 -24.50 11.76 9.29
CA GLY B 80 -25.40 10.77 8.70
C GLY B 80 -25.74 9.70 9.74
N LEU B 81 -26.93 9.17 9.62
CA LEU B 81 -27.35 8.10 10.51
C LEU B 81 -27.73 6.92 9.68
N ALA B 82 -27.08 5.79 9.98
CA ALA B 82 -27.26 4.64 9.17
C ALA B 82 -27.77 3.46 9.96
N LEU B 83 -28.69 2.73 9.35
CA LEU B 83 -29.24 1.49 9.91
C LEU B 83 -28.71 0.33 9.09
N ASP B 84 -27.96 -0.56 9.76
CA ASP B 84 -27.31 -1.71 9.15
C ASP B 84 -28.16 -2.90 9.59
N THR B 85 -28.87 -3.53 8.64
CA THR B 85 -29.79 -4.60 8.91
C THR B 85 -29.13 -5.93 9.28
N LYS B 86 -29.77 -6.70 10.14
CA LYS B 86 -29.30 -8.06 10.42
C LYS B 86 -29.22 -8.85 9.12
N GLY B 87 -30.28 -8.75 8.34
CA GLY B 87 -30.39 -9.56 7.13
C GLY B 87 -30.86 -10.97 7.48
N PRO B 88 -31.13 -11.79 6.46
CA PRO B 88 -31.60 -13.15 6.72
C PRO B 88 -30.43 -14.08 7.02
N GLU B 89 -30.68 -15.19 7.71
CA GLU B 89 -29.62 -16.22 7.93
C GLU B 89 -30.09 -17.72 7.93
N ILE B 90 -29.13 -18.63 7.78
CA ILE B 90 -29.38 -20.08 7.85
C ILE B 90 -28.99 -20.66 9.22
N LEU B 187 -32.46 -17.29 -0.18
CA LEU B 187 -32.95 -16.57 0.99
C LEU B 187 -33.63 -15.29 0.53
N PRO B 188 -34.60 -14.78 1.33
CA PRO B 188 -35.27 -13.53 0.93
C PRO B 188 -34.35 -12.29 1.05
N ALA B 189 -34.72 -11.21 0.36
CA ALA B 189 -33.99 -9.94 0.48
C ALA B 189 -33.93 -9.42 1.95
N VAL B 190 -35.10 -9.38 2.56
CA VAL B 190 -35.36 -8.86 3.90
C VAL B 190 -36.14 -9.89 4.72
N SER B 191 -35.69 -10.10 5.95
CA SER B 191 -36.40 -11.01 6.83
C SER B 191 -37.51 -10.25 7.52
N GLU B 192 -38.27 -10.96 8.35
CA GLU B 192 -39.31 -10.32 9.11
C GLU B 192 -38.74 -9.33 10.12
N LYS B 193 -37.72 -9.70 10.86
CA LYS B 193 -37.08 -8.72 11.76
C LYS B 193 -36.62 -7.46 10.99
N ASP B 194 -36.12 -7.67 9.76
CA ASP B 194 -35.69 -6.58 8.85
C ASP B 194 -36.83 -5.67 8.48
N ARG B 195 -37.97 -6.25 8.08
CA ARG B 195 -39.15 -5.38 7.78
C ARG B 195 -39.46 -4.48 8.98
N GLU B 196 -39.43 -5.03 10.19
CA GLU B 196 -39.74 -4.23 11.39
C GLU B 196 -38.64 -3.19 11.70
N ASP B 197 -37.37 -3.55 11.49
CA ASP B 197 -36.31 -2.61 11.84
C ASP B 197 -36.31 -1.44 10.83
N LEU B 198 -36.62 -1.76 9.57
CA LEU B 198 -36.73 -0.75 8.52
C LEU B 198 -37.88 0.21 8.75
N LYS B 199 -39.03 -0.33 9.19
CA LYS B 199 -40.19 0.49 9.56
C LYS B 199 -39.81 1.43 10.70
N PHE B 200 -39.09 0.92 11.70
CA PHE B 200 -38.61 1.78 12.77
C PHE B 200 -37.68 2.91 12.28
N GLY B 201 -36.74 2.55 11.39
CA GLY B 201 -35.81 3.49 10.87
C GLY B 201 -36.49 4.55 10.07
N VAL B 202 -37.43 4.14 9.22
CA VAL B 202 -38.23 5.10 8.47
C VAL B 202 -38.89 6.05 9.47
N GLU B 203 -39.50 5.49 10.54
CA GLU B 203 -40.18 6.33 11.55
C GLU B 203 -39.24 7.31 12.27
N GLN B 204 -37.96 6.98 12.41
CA GLN B 204 -37.00 7.78 13.22
C GLN B 204 -36.12 8.73 12.41
N GLY B 205 -36.37 8.77 11.10
CA GLY B 205 -35.69 9.75 10.27
C GLY B 205 -34.26 9.33 9.89
N ILE B 206 -34.03 8.03 9.71
CA ILE B 206 -32.68 7.62 9.24
C ILE B 206 -32.29 8.20 7.89
N ASP B 207 -30.98 8.33 7.68
CA ASP B 207 -30.44 8.77 6.39
C ASP B 207 -30.23 7.73 5.34
N MET B 208 -29.93 6.50 5.76
CA MET B 208 -29.46 5.53 4.81
C MET B 208 -29.57 4.22 5.52
N VAL B 209 -29.68 3.17 4.70
CA VAL B 209 -29.74 1.83 5.16
C VAL B 209 -28.51 1.17 4.61
N PHE B 210 -27.82 0.36 5.42
CA PHE B 210 -26.84 -0.58 4.90
C PHE B 210 -27.57 -1.95 4.85
N ALA B 211 -27.93 -2.39 3.65
CA ALA B 211 -28.73 -3.61 3.50
C ALA B 211 -27.83 -4.83 3.42
N SER B 212 -27.80 -5.65 4.48
CA SER B 212 -27.05 -6.91 4.43
C SER B 212 -27.37 -7.91 3.31
N PHE B 213 -26.29 -8.57 2.88
CA PHE B 213 -26.38 -9.75 2.05
C PHE B 213 -27.20 -9.53 0.75
N ILE B 214 -26.94 -8.38 0.09
CA ILE B 214 -27.49 -8.15 -1.25
C ILE B 214 -26.85 -9.05 -2.33
N ARG B 215 -27.66 -9.86 -2.98
CA ARG B 215 -27.21 -10.76 -4.01
C ARG B 215 -27.68 -10.41 -5.42
N THR B 216 -28.76 -9.67 -5.57
CA THR B 216 -29.24 -9.38 -6.92
C THR B 216 -29.83 -8.02 -6.88
N ALA B 217 -30.00 -7.42 -8.04
CA ALA B 217 -30.74 -6.16 -8.24
C ALA B 217 -32.18 -6.19 -7.78
N GLU B 218 -32.84 -7.34 -8.00
CA GLU B 218 -34.26 -7.49 -7.59
C GLU B 218 -34.36 -7.41 -6.08
N GLN B 219 -33.37 -7.95 -5.39
CA GLN B 219 -33.37 -7.81 -3.94
C GLN B 219 -33.27 -6.38 -3.49
N VAL B 220 -32.54 -5.54 -4.22
CA VAL B 220 -32.46 -4.10 -3.83
C VAL B 220 -33.83 -3.45 -3.97
N GLN B 221 -34.56 -3.82 -5.05
CA GLN B 221 -35.95 -3.34 -5.22
C GLN B 221 -36.85 -3.74 -4.07
N GLU B 222 -36.66 -4.91 -3.49
CA GLU B 222 -37.43 -5.28 -2.26
C GLU B 222 -37.14 -4.40 -1.04
N VAL B 223 -35.86 -4.11 -0.80
CA VAL B 223 -35.53 -3.16 0.26
C VAL B 223 -36.19 -1.84 -0.06
N ARG B 224 -36.10 -1.40 -1.31
CA ARG B 224 -36.79 -0.13 -1.70
C ARG B 224 -38.30 -0.14 -1.43
N GLU B 225 -38.98 -1.25 -1.79
CA GLU B 225 -40.43 -1.38 -1.57
C GLU B 225 -40.70 -1.46 -0.07
N ALA B 226 -39.82 -2.12 0.68
CA ALA B 226 -39.97 -2.13 2.14
C ALA B 226 -39.84 -0.72 2.80
N LEU B 227 -38.95 0.15 2.29
CA LEU B 227 -38.86 1.52 2.84
C LEU B 227 -40.08 2.29 2.41
N GLY B 228 -40.61 1.86 1.26
CA GLY B 228 -41.82 2.43 0.68
C GLY B 228 -41.79 3.92 0.34
N GLU B 229 -42.99 4.45 0.19
CA GLU B 229 -43.23 5.84 -0.08
C GLU B 229 -42.68 6.75 1.01
N LYS B 230 -42.91 6.42 2.27
CA LYS B 230 -42.36 7.27 3.32
C LYS B 230 -40.80 7.25 3.40
N GLY B 231 -40.18 6.14 2.99
CA GLY B 231 -38.72 5.99 2.99
C GLY B 231 -38.09 6.15 1.63
N LYS B 232 -38.75 6.90 0.76
CA LYS B 232 -38.31 6.98 -0.63
C LYS B 232 -37.05 7.85 -0.78
N ASP B 233 -36.80 8.73 0.19
CA ASP B 233 -35.59 9.53 0.12
C ASP B 233 -34.45 8.99 1.01
N ILE B 234 -34.64 7.82 1.61
CA ILE B 234 -33.53 7.16 2.31
C ILE B 234 -32.65 6.39 1.33
N LEU B 235 -31.34 6.55 1.49
CA LEU B 235 -30.36 5.89 0.61
C LEU B 235 -30.19 4.44 1.00
N ILE B 236 -30.11 3.58 -0.01
CA ILE B 236 -29.79 2.19 0.16
C ILE B 236 -28.34 1.96 -0.25
N ILE B 237 -27.52 1.51 0.70
CA ILE B 237 -26.14 1.08 0.43
C ILE B 237 -26.21 -0.46 0.51
N SER B 238 -26.06 -1.13 -0.64
CA SER B 238 -26.14 -2.60 -0.65
C SER B 238 -24.79 -3.12 -0.19
N LYS B 239 -24.80 -3.92 0.86
CA LYS B 239 -23.61 -4.68 1.31
C LYS B 239 -23.37 -5.95 0.49
N ILE B 240 -22.21 -5.96 -0.18
CA ILE B 240 -21.70 -7.10 -0.97
C ILE B 240 -20.90 -8.10 -0.10
N GLU B 241 -21.43 -9.34 -0.02
CA GLU B 241 -21.06 -10.30 1.00
C GLU B 241 -20.69 -11.68 0.49
N ASN B 242 -20.91 -11.93 -0.80
CA ASN B 242 -20.67 -13.25 -1.34
C ASN B 242 -20.41 -13.17 -2.83
N HIS B 243 -20.16 -14.31 -3.47
CA HIS B 243 -19.79 -14.34 -4.90
C HIS B 243 -20.93 -13.84 -5.80
N GLN B 244 -22.17 -14.05 -5.38
CA GLN B 244 -23.28 -13.65 -6.24
C GLN B 244 -23.44 -12.14 -6.29
N GLY B 245 -23.38 -11.51 -5.13
CA GLY B 245 -23.30 -10.05 -5.10
C GLY B 245 -22.20 -9.54 -6.01
N VAL B 246 -21.02 -10.16 -5.95
CA VAL B 246 -19.90 -9.72 -6.82
C VAL B 246 -20.23 -9.87 -8.31
N GLN B 247 -20.80 -11.03 -8.65
CA GLN B 247 -21.29 -11.33 -10.01
C GLN B 247 -22.34 -10.34 -10.55
N ASN B 248 -23.30 -9.96 -9.69
CA ASN B 248 -24.41 -9.13 -10.12
C ASN B 248 -24.19 -7.65 -9.86
N ILE B 249 -22.95 -7.27 -9.57
CA ILE B 249 -22.62 -5.87 -9.13
C ILE B 249 -23.11 -4.74 -10.05
N ASP B 250 -23.09 -4.95 -11.36
CA ASP B 250 -23.55 -3.89 -12.26
C ASP B 250 -25.00 -3.61 -12.01
N GLY B 251 -25.83 -4.65 -11.90
CA GLY B 251 -27.26 -4.41 -11.65
C GLY B 251 -27.52 -3.90 -10.25
N ILE B 252 -26.74 -4.36 -9.28
CA ILE B 252 -26.94 -3.93 -7.93
C ILE B 252 -26.50 -2.48 -7.81
N ILE B 253 -25.40 -2.10 -8.46
CA ILE B 253 -24.99 -0.66 -8.41
C ILE B 253 -26.10 0.19 -9.07
N GLU B 254 -26.51 -0.18 -10.25
CA GLU B 254 -27.57 0.55 -10.93
C GLU B 254 -28.81 0.84 -10.03
N ALA B 255 -29.23 -0.16 -9.26
CA ALA B 255 -30.42 -0.06 -8.38
C ALA B 255 -30.18 0.62 -7.03
N SER B 256 -28.95 0.62 -6.55
CA SER B 256 -28.69 1.11 -5.21
C SER B 256 -28.27 2.57 -5.27
N ASP B 257 -28.01 3.12 -4.11
CA ASP B 257 -27.49 4.50 -4.05
C ASP B 257 -25.99 4.45 -3.75
N GLY B 258 -25.49 3.24 -3.40
CA GLY B 258 -24.12 3.06 -3.02
C GLY B 258 -23.90 1.61 -2.68
N ILE B 259 -22.64 1.31 -2.39
CA ILE B 259 -22.26 -0.02 -2.10
C ILE B 259 -21.37 -0.08 -0.85
N MET B 260 -21.53 -1.16 -0.11
CA MET B 260 -20.58 -1.46 0.96
C MET B 260 -19.87 -2.78 0.68
N VAL B 261 -18.55 -2.69 0.71
CA VAL B 261 -17.68 -3.84 0.46
C VAL B 261 -17.45 -4.49 1.78
N ALA B 262 -18.10 -5.66 2.01
CA ALA B 262 -17.96 -6.27 3.34
C ALA B 262 -16.86 -7.34 3.35
N ARG B 263 -15.60 -6.90 3.52
CA ARG B 263 -14.45 -7.77 3.20
C ARG B 263 -14.47 -9.11 3.97
N GLY B 264 -14.85 -9.03 5.25
CA GLY B 264 -14.83 -10.18 6.20
C GLY B 264 -15.85 -11.21 5.71
N ASP B 265 -17.05 -10.77 5.35
CA ASP B 265 -18.06 -11.67 4.82
C ASP B 265 -17.64 -12.29 3.49
N LEU B 266 -17.19 -11.47 2.56
CA LEU B 266 -16.66 -12.02 1.32
C LEU B 266 -15.56 -13.06 1.56
N GLY B 267 -14.69 -12.82 2.54
CA GLY B 267 -13.58 -13.72 2.80
C GLY B 267 -13.94 -15.10 3.41
N VAL B 268 -15.20 -15.30 3.80
CA VAL B 268 -15.65 -16.58 4.29
C VAL B 268 -15.74 -17.48 3.05
N GLU B 269 -16.36 -16.97 1.97
CA GLU B 269 -16.58 -17.73 0.70
C GLU B 269 -15.38 -17.66 -0.31
N ILE B 270 -14.73 -16.51 -0.42
CA ILE B 270 -13.83 -16.29 -1.55
C ILE B 270 -12.42 -16.17 -1.01
N PRO B 271 -11.44 -16.74 -1.72
CA PRO B 271 -10.07 -16.65 -1.21
C PRO B 271 -9.66 -15.19 -1.00
N ALA B 272 -8.88 -14.94 0.06
CA ALA B 272 -8.41 -13.61 0.41
C ALA B 272 -7.94 -12.80 -0.78
N GLU B 273 -7.13 -13.40 -1.67
CA GLU B 273 -6.59 -12.68 -2.80
C GLU B 273 -7.65 -12.22 -3.79
N LYS B 274 -8.74 -12.96 -3.92
CA LYS B 274 -9.87 -12.53 -4.75
C LYS B 274 -10.79 -11.52 -4.04
N VAL B 275 -10.86 -11.54 -2.73
CA VAL B 275 -11.48 -10.45 -2.05
C VAL B 275 -10.69 -9.12 -2.33
N VAL B 276 -9.36 -9.16 -2.28
CA VAL B 276 -8.52 -7.97 -2.57
C VAL B 276 -8.91 -7.43 -3.98
N VAL B 277 -9.00 -8.32 -4.95
CA VAL B 277 -9.32 -7.86 -6.31
C VAL B 277 -10.80 -7.54 -6.44
N ALA B 278 -11.68 -8.30 -5.77
CA ALA B 278 -13.09 -7.89 -5.81
C ALA B 278 -13.25 -6.48 -5.21
N GLN B 279 -12.53 -6.16 -4.13
CA GLN B 279 -12.61 -4.80 -3.64
C GLN B 279 -12.31 -3.75 -4.73
N MET B 280 -11.27 -3.98 -5.51
CA MET B 280 -10.84 -3.06 -6.56
C MET B 280 -11.91 -2.87 -7.59
N ILE B 281 -12.56 -3.98 -7.97
CA ILE B 281 -13.62 -3.99 -8.96
C ILE B 281 -14.84 -3.21 -8.44
N LEU B 282 -15.30 -3.57 -7.25
CA LEU B 282 -16.48 -2.89 -6.72
C LEU B 282 -16.21 -1.37 -6.57
N ILE B 283 -15.07 -1.01 -5.98
CA ILE B 283 -14.79 0.46 -5.79
C ILE B 283 -14.75 1.19 -7.10
N SER B 284 -14.05 0.65 -8.10
CA SER B 284 -13.87 1.32 -9.37
C SER B 284 -15.18 1.32 -10.16
N LYS B 285 -15.98 0.23 -10.11
CA LYS B 285 -17.32 0.37 -10.74
C LYS B 285 -18.12 1.44 -10.05
N CYS B 286 -17.98 1.64 -8.71
CA CYS B 286 -18.83 2.66 -8.15
C CYS B 286 -18.25 4.06 -8.42
N ASN B 287 -16.92 4.16 -8.61
CA ASN B 287 -16.34 5.47 -8.96
C ASN B 287 -16.88 5.85 -10.32
N VAL B 288 -16.99 4.92 -11.25
CA VAL B 288 -17.41 5.22 -12.59
C VAL B 288 -18.91 5.55 -12.62
N ALA B 289 -19.68 4.87 -11.79
CA ALA B 289 -21.10 5.18 -11.60
C ALA B 289 -21.38 6.52 -10.91
N GLY B 290 -20.40 7.07 -10.20
CA GLY B 290 -20.64 8.26 -9.41
C GLY B 290 -21.42 8.01 -8.12
N LYS B 291 -21.17 6.88 -7.48
CA LYS B 291 -21.97 6.51 -6.37
C LYS B 291 -21.02 6.11 -5.23
N PRO B 292 -21.35 6.48 -4.00
CA PRO B 292 -20.53 6.24 -2.85
C PRO B 292 -20.21 4.76 -2.57
N VAL B 293 -19.01 4.56 -2.07
CA VAL B 293 -18.55 3.23 -1.82
C VAL B 293 -17.87 3.27 -0.48
N ILE B 294 -18.31 2.33 0.36
CA ILE B 294 -17.79 2.15 1.71
C ILE B 294 -17.06 0.84 1.87
N CYS B 295 -15.82 0.99 2.36
CA CYS B 295 -14.98 -0.13 2.77
CA CYS B 295 -15.05 -0.17 2.77
C CYS B 295 -15.24 -0.49 4.25
N ALA B 296 -15.57 -1.77 4.55
CA ALA B 296 -16.00 -2.15 5.94
C ALA B 296 -15.46 -3.46 6.47
N THR B 297 -15.28 -3.55 7.80
CA THR B 297 -14.85 -4.82 8.37
C THR B 297 -13.35 -4.94 8.24
N GLN B 298 -12.70 -5.47 9.29
CA GLN B 298 -11.27 -5.72 9.30
C GLN B 298 -10.45 -4.46 9.01
N MET B 299 -10.83 -3.34 9.61
CA MET B 299 -10.13 -2.09 9.35
C MET B 299 -8.95 -1.91 10.32
N LEU B 300 -9.18 -1.50 11.56
CA LEU B 300 -8.06 -1.46 12.48
C LEU B 300 -8.48 -2.29 13.68
N GLU B 301 -9.00 -3.53 13.45
CA GLU B 301 -9.53 -4.43 14.49
CA GLU B 301 -9.62 -4.28 14.52
C GLU B 301 -8.62 -4.43 15.73
N SER B 302 -7.31 -4.58 15.51
CA SER B 302 -6.40 -4.68 16.66
C SER B 302 -6.46 -3.48 17.63
N MET B 303 -6.89 -2.33 17.12
CA MET B 303 -7.06 -1.16 17.99
C MET B 303 -8.31 -1.19 18.87
N THR B 304 -9.07 -2.28 18.79
CA THR B 304 -10.15 -2.46 19.70
C THR B 304 -9.54 -2.51 21.09
N THR B 305 -8.49 -3.29 21.27
CA THR B 305 -7.97 -3.48 22.64
C THR B 305 -6.52 -3.11 22.78
N ASN B 306 -5.86 -2.76 21.68
CA ASN B 306 -4.51 -2.16 21.77
C ASN B 306 -4.49 -0.68 21.40
N PRO B 307 -3.52 0.08 21.95
CA PRO B 307 -3.50 1.51 21.59
C PRO B 307 -2.93 1.81 20.20
N ARG B 308 -2.37 0.81 19.53
CA ARG B 308 -1.87 1.04 18.19
C ARG B 308 -2.13 -0.20 17.35
N PRO B 309 -2.45 0.04 16.07
CA PRO B 309 -2.68 -1.02 15.11
C PRO B 309 -1.33 -1.53 14.57
N THR B 310 -1.35 -2.68 13.88
CA THR B 310 -0.20 -3.12 13.06
C THR B 310 -0.04 -2.29 11.77
N ARG B 311 1.16 -2.28 11.21
CA ARG B 311 1.36 -1.60 9.89
C ARG B 311 0.51 -2.29 8.80
N ALA B 312 0.27 -3.60 8.90
CA ALA B 312 -0.45 -4.25 7.82
C ALA B 312 -1.92 -3.75 7.77
N GLU B 313 -2.55 -3.58 8.93
CA GLU B 313 -3.87 -2.98 9.04
C GLU B 313 -3.82 -1.51 8.57
N VAL B 314 -2.79 -0.76 9.00
CA VAL B 314 -2.68 0.62 8.49
C VAL B 314 -2.60 0.60 6.93
N SER B 315 -1.81 -0.31 6.38
CA SER B 315 -1.71 -0.41 4.95
C SER B 315 -3.07 -0.78 4.30
N ASP B 316 -3.85 -1.58 4.98
CA ASP B 316 -5.10 -2.06 4.35
C ASP B 316 -6.09 -0.89 4.24
N VAL B 317 -6.06 -0.01 5.24
CA VAL B 317 -6.88 1.20 5.27
C VAL B 317 -6.48 2.19 4.16
N ALA B 318 -5.17 2.52 4.10
CA ALA B 318 -4.63 3.37 3.05
C ALA B 318 -4.95 2.81 1.66
N ASN B 319 -4.80 1.50 1.50
CA ASN B 319 -5.17 0.83 0.27
C ASN B 319 -6.62 1.01 -0.20
N ALA B 320 -7.59 0.98 0.75
CA ALA B 320 -9.00 1.23 0.48
C ALA B 320 -9.12 2.62 -0.13
N VAL B 321 -8.39 3.59 0.44
CA VAL B 321 -8.46 4.94 -0.06
C VAL B 321 -7.78 5.00 -1.44
N PHE B 322 -6.55 4.47 -1.55
CA PHE B 322 -5.90 4.40 -2.91
C PHE B 322 -6.82 3.73 -3.97
N ASN B 323 -7.52 2.66 -3.56
CA ASN B 323 -8.39 1.91 -4.52
C ASN B 323 -9.46 2.81 -5.05
N GLY B 324 -9.87 3.78 -4.22
CA GLY B 324 -10.84 4.75 -4.66
C GLY B 324 -12.03 4.86 -3.76
N ALA B 325 -12.00 4.22 -2.59
CA ALA B 325 -13.17 4.31 -1.68
C ALA B 325 -13.50 5.74 -1.18
N ASP B 326 -14.80 6.10 -1.17
CA ASP B 326 -15.26 7.31 -0.49
C ASP B 326 -15.00 7.20 1.02
N CYS B 327 -15.42 6.06 1.59
CA CYS B 327 -15.48 5.92 3.02
C CYS B 327 -14.83 4.65 3.52
N VAL B 328 -14.27 4.75 4.73
CA VAL B 328 -13.82 3.65 5.55
C VAL B 328 -14.71 3.59 6.81
N MET B 329 -14.98 2.37 7.30
CA MET B 329 -15.92 2.12 8.37
C MET B 329 -15.24 1.41 9.52
N LEU B 330 -15.61 1.78 10.74
CA LEU B 330 -15.13 1.16 11.96
C LEU B 330 -16.30 0.44 12.62
N SER B 331 -16.03 -0.75 13.17
CA SER B 331 -17.07 -1.61 13.78
C SER B 331 -16.85 -1.67 15.30
N GLY B 332 -16.30 -2.81 15.78
CA GLY B 332 -15.94 -3.01 17.18
C GLY B 332 -14.98 -1.94 17.73
N GLU B 333 -14.08 -1.41 16.92
CA GLU B 333 -13.11 -0.41 17.35
C GLU B 333 -13.79 0.75 18.00
N THR B 334 -14.95 1.18 17.49
CA THR B 334 -15.63 2.28 18.11
C THR B 334 -16.86 1.79 18.93
N ALA B 335 -17.48 0.67 18.53
CA ALA B 335 -18.63 0.17 19.24
C ALA B 335 -18.32 -0.34 20.66
N LYS B 336 -17.22 -1.09 20.80
CA LYS B 336 -16.82 -1.83 22.01
C LYS B 336 -15.37 -1.48 22.45
N GLY B 337 -14.72 -0.67 21.64
CA GLY B 337 -13.30 -0.51 21.77
C GLY B 337 -12.93 0.21 23.03
N LYS B 338 -11.69 -0.02 23.41
CA LYS B 338 -11.04 0.73 24.49
C LYS B 338 -10.60 2.12 24.06
N TYR B 339 -10.24 2.32 22.79
CA TYR B 339 -9.79 3.66 22.33
C TYR B 339 -10.62 4.32 21.16
N PRO B 340 -11.96 4.51 21.33
CA PRO B 340 -12.73 5.02 20.20
C PRO B 340 -12.23 6.34 19.55
N ASN B 341 -11.92 7.36 20.34
CA ASN B 341 -11.44 8.62 19.78
C ASN B 341 -10.14 8.45 19.01
N GLU B 342 -9.23 7.68 19.56
CA GLU B 342 -7.92 7.52 19.01
C GLU B 342 -7.96 6.74 17.70
N VAL B 343 -8.91 5.79 17.58
CA VAL B 343 -8.94 4.99 16.39
C VAL B 343 -9.53 5.83 15.28
N VAL B 344 -10.46 6.71 15.61
CA VAL B 344 -10.94 7.65 14.62
C VAL B 344 -9.90 8.68 14.13
N GLN B 345 -9.18 9.29 15.07
CA GLN B 345 -8.20 10.30 14.70
C GLN B 345 -7.16 9.66 13.83
N TYR B 346 -6.81 8.43 14.18
CA TYR B 346 -5.82 7.69 13.43
C TYR B 346 -6.30 7.33 12.02
N MET B 347 -7.54 6.79 11.90
CA MET B 347 -8.13 6.49 10.60
C MET B 347 -8.16 7.77 9.73
N ALA B 348 -8.48 8.89 10.34
CA ALA B 348 -8.35 10.22 9.67
C ALA B 348 -6.97 10.56 9.15
N ARG B 349 -5.97 10.33 9.98
CA ARG B 349 -4.57 10.58 9.58
C ARG B 349 -4.12 9.65 8.46
N ILE B 350 -4.56 8.40 8.47
CA ILE B 350 -4.22 7.52 7.38
C ILE B 350 -4.84 8.00 6.07
N CYS B 351 -6.10 8.39 6.10
CA CYS B 351 -6.80 8.84 4.91
C CYS B 351 -6.09 10.03 4.30
N LEU B 352 -5.79 10.98 5.18
CA LEU B 352 -5.03 12.15 4.73
C LEU B 352 -3.70 11.83 4.08
N GLU B 353 -2.89 10.93 4.65
CA GLU B 353 -1.64 10.49 3.98
C GLU B 353 -1.88 9.82 2.64
N ALA B 354 -2.87 8.91 2.55
CA ALA B 354 -3.12 8.21 1.33
C ALA B 354 -3.52 9.27 0.27
N GLN B 355 -4.37 10.21 0.68
CA GLN B 355 -4.86 11.27 -0.20
C GLN B 355 -3.74 12.11 -0.77
N SER B 356 -2.81 12.58 0.10
CA SER B 356 -1.64 13.36 -0.30
C SER B 356 -0.76 12.54 -1.26
N ALA B 357 -0.81 11.23 -1.11
CA ALA B 357 0.04 10.37 -1.91
C ALA B 357 -0.62 10.02 -3.21
N THR B 358 -1.86 10.41 -3.39
CA THR B 358 -2.54 10.06 -4.64
C THR B 358 -2.39 11.22 -5.68
N ASN B 359 -2.05 10.87 -6.92
CA ASN B 359 -2.26 11.78 -8.07
C ASN B 359 -3.74 11.79 -8.50
N GLN B 360 -4.43 12.83 -8.07
CA GLN B 360 -5.84 12.96 -8.20
C GLN B 360 -6.23 13.26 -9.66
N ALA B 361 -5.34 13.96 -10.36
CA ALA B 361 -5.56 14.24 -11.78
C ALA B 361 -5.69 13.00 -12.62
N VAL B 362 -5.01 11.91 -12.20
CA VAL B 362 -5.08 10.64 -12.95
C VAL B 362 -6.48 10.07 -12.85
N MET B 363 -7.07 10.11 -11.68
CA MET B 363 -8.42 9.59 -11.45
C MET B 363 -9.41 10.41 -12.26
N PHE B 364 -9.25 11.73 -12.20
CA PHE B 364 -10.08 12.60 -12.97
C PHE B 364 -10.04 12.25 -14.45
N ASN B 365 -8.81 12.17 -15.03
CA ASN B 365 -8.68 11.84 -16.46
C ASN B 365 -9.28 10.48 -16.77
N SER B 366 -9.07 9.54 -15.87
CA SER B 366 -9.49 8.20 -16.19
C SER B 366 -11.04 8.13 -16.22
N ILE B 367 -11.70 8.80 -15.26
CA ILE B 367 -13.15 8.84 -15.22
C ILE B 367 -13.72 9.54 -16.46
N LYS B 368 -13.13 10.70 -16.77
CA LYS B 368 -13.53 11.54 -17.89
C LYS B 368 -13.39 10.83 -19.28
N LYS B 369 -12.30 10.06 -19.47
CA LYS B 369 -12.14 9.31 -20.71
C LYS B 369 -13.18 8.22 -20.93
N MET B 370 -13.95 7.88 -19.91
CA MET B 370 -15.03 6.91 -20.10
C MET B 370 -16.35 7.52 -20.57
N GLN B 371 -16.42 8.84 -20.65
CA GLN B 371 -17.68 9.47 -20.94
C GLN B 371 -18.02 9.31 -22.41
N LYS B 372 -19.23 8.80 -22.66
CA LYS B 372 -19.85 8.79 -24.00
C LYS B 372 -19.99 10.21 -24.55
N LEU B 373 -19.76 10.37 -25.85
CA LEU B 373 -20.08 11.62 -26.54
C LEU B 373 -21.28 11.46 -27.48
N PRO B 374 -22.26 12.37 -27.40
CA PRO B 374 -22.26 13.62 -26.62
C PRO B 374 -22.65 13.40 -25.15
N MET B 375 -22.05 14.17 -24.24
CA MET B 375 -22.43 14.08 -22.81
C MET B 375 -23.77 14.73 -22.60
N SER B 376 -24.53 14.37 -21.57
CA SER B 376 -25.62 15.22 -21.13
C SER B 376 -25.11 16.56 -20.52
N PRO B 377 -25.94 17.61 -20.60
CA PRO B 377 -25.61 18.94 -20.05
C PRO B 377 -25.06 18.81 -18.61
N GLU B 378 -25.69 17.94 -17.85
CA GLU B 378 -25.34 17.68 -16.46
C GLU B 378 -23.93 17.08 -16.27
N GLU B 379 -23.62 15.99 -17.00
CA GLU B 379 -22.24 15.49 -16.99
C GLU B 379 -21.23 16.56 -17.48
N ALA B 380 -21.59 17.30 -18.48
CA ALA B 380 -20.65 18.23 -19.09
C ALA B 380 -20.32 19.37 -18.13
N VAL B 381 -21.34 19.90 -17.47
CA VAL B 381 -21.17 20.97 -16.56
C VAL B 381 -20.34 20.51 -15.35
N CYS B 382 -20.62 19.32 -14.78
CA CYS B 382 -19.77 18.91 -13.64
C CYS B 382 -18.31 18.54 -13.98
N SER B 383 -18.07 17.89 -15.10
CA SER B 383 -16.71 17.51 -15.45
C SER B 383 -15.93 18.74 -15.83
N SER B 384 -16.63 19.64 -16.48
CA SER B 384 -16.00 20.86 -16.92
C SER B 384 -15.66 21.82 -15.73
N ALA B 385 -16.54 21.84 -14.72
CA ALA B 385 -16.24 22.56 -13.49
C ALA B 385 -15.00 21.93 -12.79
N VAL B 386 -14.92 20.62 -12.79
CA VAL B 386 -13.78 19.98 -12.15
C VAL B 386 -12.51 20.24 -12.97
N ASN B 387 -12.64 20.12 -14.29
CA ASN B 387 -11.56 20.43 -15.20
C ASN B 387 -11.01 21.87 -14.93
N SER B 388 -11.94 22.82 -14.81
CA SER B 388 -11.56 24.21 -14.41
C SER B 388 -10.83 24.31 -13.05
N VAL B 389 -11.19 23.48 -12.07
CA VAL B 389 -10.50 23.51 -10.80
C VAL B 389 -9.02 23.23 -11.05
N TYR B 390 -8.75 22.16 -11.78
CA TYR B 390 -7.35 21.86 -12.29
C TYR B 390 -6.74 22.92 -13.21
N GLU B 391 -7.53 23.50 -14.11
CA GLU B 391 -6.96 24.51 -15.00
C GLU B 391 -6.52 25.85 -14.35
N VAL B 392 -7.35 26.42 -13.47
CA VAL B 392 -7.03 27.69 -12.85
C VAL B 392 -6.38 27.54 -11.44
N ARG B 393 -6.12 26.29 -11.02
CA ARG B 393 -5.79 25.87 -9.63
C ARG B 393 -6.69 26.45 -8.54
N ALA B 394 -7.98 26.23 -8.67
CA ALA B 394 -8.91 26.76 -7.68
C ALA B 394 -8.71 26.05 -6.35
N LYS B 395 -9.13 26.67 -5.24
CA LYS B 395 -8.96 26.02 -3.95
C LYS B 395 -10.19 25.43 -3.30
N ALA B 396 -11.33 25.62 -3.94
CA ALA B 396 -12.55 24.95 -3.54
C ALA B 396 -13.53 24.90 -4.73
N LEU B 397 -14.39 23.87 -4.76
CA LEU B 397 -15.45 23.85 -5.74
C LEU B 397 -16.73 23.95 -4.95
N LEU B 398 -17.60 24.89 -5.32
CA LEU B 398 -18.85 25.11 -4.66
C LEU B 398 -20.03 24.68 -5.59
N VAL B 399 -20.81 23.70 -5.12
CA VAL B 399 -21.98 23.23 -5.85
C VAL B 399 -23.26 23.69 -5.13
N LEU B 400 -24.21 24.34 -5.81
CA LEU B 400 -25.50 24.66 -5.20
C LEU B 400 -26.47 23.52 -5.63
N SER B 401 -26.74 22.56 -4.75
CA SER B 401 -27.57 21.40 -5.12
C SER B 401 -28.49 21.07 -3.98
N ASN B 402 -29.79 21.19 -4.12
CA ASN B 402 -30.69 20.91 -2.95
C ASN B 402 -30.81 19.44 -2.60
N SER B 403 -30.76 18.61 -3.65
CA SER B 403 -30.79 17.13 -3.48
C SER B 403 -29.38 16.53 -3.23
N GLY B 404 -28.31 17.28 -3.54
CA GLY B 404 -26.94 16.74 -3.34
C GLY B 404 -26.41 15.98 -4.56
N ARG B 405 -27.31 15.70 -5.52
CA ARG B 405 -26.97 15.04 -6.81
C ARG B 405 -25.73 15.59 -7.57
N SER B 406 -25.70 16.88 -7.78
CA SER B 406 -24.62 17.42 -8.51
C SER B 406 -23.34 17.50 -7.65
N ALA B 407 -23.48 17.46 -6.32
CA ALA B 407 -22.33 17.31 -5.42
C ALA B 407 -21.72 15.92 -5.62
N ARG B 408 -22.57 14.89 -5.74
CA ARG B 408 -22.03 13.56 -6.00
C ARG B 408 -21.42 13.48 -7.37
N LEU B 409 -22.06 14.12 -8.34
CA LEU B 409 -21.54 14.14 -9.68
C LEU B 409 -20.18 14.86 -9.81
N ALA B 410 -20.01 16.00 -9.12
CA ALA B 410 -18.67 16.66 -9.08
C ALA B 410 -17.68 15.76 -8.39
N SER B 411 -18.06 15.18 -7.26
CA SER B 411 -17.17 14.26 -6.55
C SER B 411 -16.65 13.06 -7.36
N LYS B 412 -17.51 12.51 -8.23
CA LYS B 412 -17.09 11.48 -9.15
C LYS B 412 -15.82 11.85 -9.95
N TYR B 413 -15.69 13.12 -10.34
CA TYR B 413 -14.68 13.55 -11.22
C TYR B 413 -13.42 13.86 -10.43
N ARG B 414 -13.49 13.79 -9.13
CA ARG B 414 -12.28 13.78 -8.35
C ARG B 414 -11.47 15.10 -8.43
N PRO B 415 -12.06 16.22 -8.07
CA PRO B 415 -11.21 17.43 -8.01
C PRO B 415 -10.23 17.24 -6.89
N ASP B 416 -9.18 18.03 -6.84
CA ASP B 416 -8.17 17.82 -5.82
CA ASP B 416 -8.13 17.85 -5.86
C ASP B 416 -8.35 18.87 -4.76
N CYS B 417 -9.56 19.38 -4.66
CA CYS B 417 -9.87 20.32 -3.55
C CYS B 417 -11.21 19.95 -2.90
N PRO B 418 -11.53 20.63 -1.79
CA PRO B 418 -12.82 20.44 -1.15
C PRO B 418 -14.01 20.89 -2.00
N ILE B 419 -15.10 20.16 -1.87
CA ILE B 419 -16.34 20.51 -2.56
C ILE B 419 -17.29 21.03 -1.47
N ILE B 420 -17.82 22.23 -1.63
CA ILE B 420 -18.79 22.71 -0.66
C ILE B 420 -20.11 22.59 -1.34
N CYS B 421 -21.12 22.10 -0.64
CA CYS B 421 -22.41 21.97 -1.30
C CYS B 421 -23.34 22.82 -0.45
N ALA B 422 -23.92 23.87 -1.06
CA ALA B 422 -24.91 24.67 -0.37
C ALA B 422 -26.24 23.99 -0.74
N THR B 423 -27.00 23.56 0.26
CA THR B 423 -28.28 22.93 0.05
C THR B 423 -29.35 23.53 1.00
N THR B 424 -30.60 23.45 0.60
CA THR B 424 -31.70 23.94 1.41
C THR B 424 -32.22 22.82 2.30
N ARG B 425 -31.61 21.64 2.23
CA ARG B 425 -32.06 20.49 3.05
C ARG B 425 -31.00 19.92 3.98
N MET B 426 -31.35 19.86 5.25
CA MET B 426 -30.54 19.19 6.28
C MET B 426 -30.32 17.72 5.92
N ARG B 427 -31.33 17.10 5.30
CA ARG B 427 -31.24 15.73 5.06
C ARG B 427 -30.13 15.53 4.01
N THR B 428 -30.03 16.45 3.06
CA THR B 428 -28.95 16.42 2.11
C THR B 428 -27.61 16.66 2.81
N CYS B 429 -27.58 17.53 3.80
CA CYS B 429 -26.32 17.65 4.57
C CYS B 429 -25.89 16.29 5.16
N ARG B 430 -26.85 15.56 5.71
CA ARG B 430 -26.53 14.25 6.32
C ARG B 430 -26.19 13.22 5.29
N GLN B 431 -26.83 13.27 4.14
CA GLN B 431 -26.68 12.18 3.16
C GLN B 431 -25.31 12.31 2.42
N LEU B 432 -24.72 13.51 2.41
CA LEU B 432 -23.49 13.78 1.66
C LEU B 432 -22.25 13.44 2.48
N THR B 433 -22.45 13.00 3.73
CA THR B 433 -21.35 12.55 4.56
C THR B 433 -20.63 11.27 4.10
N ILE B 434 -21.25 10.52 3.18
CA ILE B 434 -20.59 9.38 2.54
C ILE B 434 -19.95 9.68 1.15
N THR B 435 -19.85 10.94 0.80
CA THR B 435 -19.42 11.34 -0.51
C THR B 435 -18.10 12.05 -0.37
N ARG B 436 -17.13 11.51 -1.08
CA ARG B 436 -15.77 11.98 -0.97
C ARG B 436 -15.67 13.50 -1.28
N SER B 437 -14.92 14.23 -0.43
CA SER B 437 -14.57 15.70 -0.65
C SER B 437 -15.63 16.72 -0.20
N VAL B 438 -16.83 16.27 0.15
CA VAL B 438 -17.94 17.20 0.37
C VAL B 438 -18.10 17.64 1.78
N ASP B 439 -18.21 18.94 1.99
CA ASP B 439 -18.67 19.52 3.25
C ASP B 439 -20.01 20.21 2.87
N ALA B 440 -21.10 19.77 3.44
CA ALA B 440 -22.39 20.37 3.10
C ALA B 440 -22.60 21.59 3.98
N VAL B 441 -23.26 22.61 3.45
CA VAL B 441 -23.61 23.73 4.31
C VAL B 441 -25.05 24.04 4.06
N PHE B 442 -25.84 24.16 5.15
CA PHE B 442 -27.27 24.37 5.07
C PHE B 442 -27.62 25.85 4.76
N TYR B 443 -28.47 26.08 3.77
CA TYR B 443 -28.92 27.43 3.44
C TYR B 443 -30.33 27.50 3.96
N ASP B 444 -30.52 28.37 4.95
CA ASP B 444 -31.84 28.47 5.60
C ASP B 444 -32.74 29.43 4.78
N ALA B 445 -33.54 28.88 3.83
CA ALA B 445 -34.37 29.72 2.94
C ALA B 445 -35.52 30.41 3.67
N GLU B 446 -36.01 29.77 4.71
CA GLU B 446 -36.98 30.36 5.61
C GLU B 446 -36.49 31.62 6.22
N ARG B 447 -35.26 31.61 6.69
CA ARG B 447 -34.66 32.76 7.30
C ARG B 447 -34.17 33.81 6.28
N TYR B 448 -33.56 33.38 5.19
CA TYR B 448 -32.85 34.27 4.32
C TYR B 448 -33.48 34.53 3.00
N GLY B 449 -34.57 33.82 2.70
CA GLY B 449 -35.28 34.07 1.42
C GLY B 449 -34.98 33.05 0.34
N GLU B 450 -35.76 33.10 -0.74
CA GLU B 450 -35.65 32.07 -1.76
C GLU B 450 -34.36 32.11 -2.61
N ASP B 451 -33.67 33.25 -2.64
CA ASP B 451 -32.34 33.37 -3.29
C ASP B 451 -32.34 32.93 -4.79
N GLU B 452 -33.36 33.34 -5.54
CA GLU B 452 -33.40 33.13 -7.01
C GLU B 452 -32.08 33.54 -7.72
N ASN B 453 -31.50 34.69 -7.39
CA ASN B 453 -30.28 35.07 -8.04
C ASN B 453 -29.00 34.35 -7.47
N LYS B 454 -29.19 33.22 -6.74
CA LYS B 454 -28.13 32.39 -6.13
C LYS B 454 -27.12 33.12 -5.33
N GLU B 455 -27.12 34.45 -5.35
CA GLU B 455 -26.09 35.23 -4.67
C GLU B 455 -25.88 34.88 -3.20
N LYS B 456 -26.95 34.73 -2.43
CA LYS B 456 -26.71 34.47 -1.00
C LYS B 456 -26.07 33.07 -0.77
N ARG B 457 -26.56 32.06 -1.50
CA ARG B 457 -25.93 30.74 -1.44
C ARG B 457 -24.48 30.68 -1.88
N VAL B 458 -24.12 31.47 -2.90
CA VAL B 458 -22.73 31.62 -3.31
C VAL B 458 -21.90 32.25 -2.17
N GLN B 459 -22.45 33.27 -1.52
CA GLN B 459 -21.66 33.97 -0.47
C GLN B 459 -21.53 33.02 0.70
N LEU B 460 -22.60 32.25 0.97
CA LEU B 460 -22.53 31.22 2.03
C LEU B 460 -21.46 30.14 1.73
N GLY B 461 -21.40 29.65 0.50
CA GLY B 461 -20.38 28.65 0.19
C GLY B 461 -18.99 29.24 0.34
N VAL B 462 -18.80 30.44 -0.18
CA VAL B 462 -17.49 31.10 -0.01
C VAL B 462 -17.18 31.31 1.46
N ASP B 463 -18.14 31.73 2.29
CA ASP B 463 -17.73 31.97 3.68
C ASP B 463 -17.45 30.67 4.38
N CYS B 464 -18.18 29.61 3.98
CA CYS B 464 -17.93 28.26 4.52
C CYS B 464 -16.51 27.82 4.23
N ALA B 465 -16.04 28.03 2.99
CA ALA B 465 -14.68 27.69 2.61
C ALA B 465 -13.67 28.54 3.38
N LYS B 466 -14.01 29.82 3.64
CA LYS B 466 -13.03 30.70 4.37
C LYS B 466 -12.90 30.22 5.80
N LYS B 467 -14.05 30.02 6.42
CA LYS B 467 -14.16 29.50 7.77
C LYS B 467 -13.35 28.24 8.00
N LYS B 468 -13.37 27.32 7.05
CA LYS B 468 -12.53 26.13 7.16
C LYS B 468 -11.08 26.27 6.74
N GLY B 469 -10.63 27.46 6.35
CA GLY B 469 -9.24 27.60 5.93
C GLY B 469 -8.97 26.93 4.58
N TYR B 470 -10.00 26.65 3.80
CA TYR B 470 -9.76 26.16 2.46
C TYR B 470 -9.27 27.27 1.53
N VAL B 471 -9.81 28.48 1.67
CA VAL B 471 -9.46 29.61 0.76
C VAL B 471 -9.21 30.86 1.58
N VAL B 472 -8.52 31.84 0.99
CA VAL B 472 -8.40 33.20 1.60
C VAL B 472 -8.59 34.23 0.48
N PRO B 473 -8.85 35.51 0.81
CA PRO B 473 -9.14 36.45 -0.29
C PRO B 473 -8.07 36.36 -1.33
N GLY B 474 -8.46 36.43 -2.60
CA GLY B 474 -7.51 36.25 -3.69
C GLY B 474 -7.37 34.87 -4.32
N ASP B 475 -7.78 33.80 -3.61
CA ASP B 475 -7.84 32.47 -4.19
C ASP B 475 -8.99 32.40 -5.23
N LEU B 476 -8.96 31.34 -6.02
CA LEU B 476 -10.02 31.06 -7.00
C LEU B 476 -10.94 29.96 -6.49
N MET B 477 -12.22 30.10 -6.82
CA MET B 477 -13.17 29.03 -6.60
C MET B 477 -13.96 28.92 -7.87
N VAL B 478 -14.51 27.72 -8.04
CA VAL B 478 -15.37 27.38 -9.13
C VAL B 478 -16.68 27.04 -8.49
N VAL B 479 -17.73 27.56 -9.08
CA VAL B 479 -19.05 27.52 -8.55
C VAL B 479 -19.89 26.90 -9.66
N VAL B 480 -20.67 25.86 -9.32
CA VAL B 480 -21.74 25.32 -10.17
C VAL B 480 -23.14 25.53 -9.58
N HIS B 481 -24.05 26.14 -10.37
CA HIS B 481 -25.48 26.38 -10.00
C HIS B 481 -26.48 26.34 -11.16
N ALA B 482 -27.74 26.05 -10.85
CA ALA B 482 -28.80 25.99 -11.84
C ALA B 482 -29.34 27.40 -12.09
N GLN B 492 -25.06 25.93 -15.09
CA GLN B 492 -24.28 27.18 -14.92
C GLN B 492 -23.01 26.99 -14.06
N THR B 493 -21.94 27.71 -14.45
CA THR B 493 -20.58 27.58 -13.88
C THR B 493 -20.03 28.99 -13.75
N ARG B 494 -19.19 29.20 -12.75
CA ARG B 494 -18.54 30.49 -12.59
C ARG B 494 -17.18 30.22 -12.08
N ILE B 495 -16.25 31.11 -12.45
CA ILE B 495 -14.93 31.04 -11.85
C ILE B 495 -14.76 32.41 -11.16
N ILE B 496 -14.51 32.42 -9.85
CA ILE B 496 -14.55 33.64 -9.06
C ILE B 496 -13.29 33.79 -8.19
N TYR B 497 -12.91 35.03 -7.92
CA TYR B 497 -11.88 35.34 -6.90
C TYR B 497 -12.59 35.45 -5.59
N VAL B 498 -12.01 34.86 -4.56
CA VAL B 498 -12.55 35.00 -3.24
C VAL B 498 -12.17 36.42 -2.79
N SER B 499 -13.11 37.09 -2.16
CA SER B 499 -12.80 38.33 -1.45
C SER B 499 -13.26 38.12 0.00
#